data_5S6X
#
_entry.id   5S6X
#
_cell.length_a   150.478
_cell.length_b   150.478
_cell.length_c   111.250
_cell.angle_alpha   90.000
_cell.angle_beta   90.000
_cell.angle_gamma   120.000
#
_symmetry.space_group_name_H-M   'P 63'
#
loop_
_entity.id
_entity.type
_entity.pdbx_description
1 polymer 'Uridylate-specific endoribonuclease'
2 non-polymer 'CITRIC ACID'
3 non-polymer 1-(2,4-dimethyl-1H-imidazol-5-yl)methanamine
4 water water
#
_entity_poly.entity_id   1
_entity_poly.type   'polypeptide(L)'
_entity_poly.pdbx_seq_one_letter_code
;GAMSLENVAFNVVNKGHFDGQQGEVPVSIINNTVYTKVDGVDVELFENKTTLPVNVAFELWAKRNIKPVPEVKILNNLGV
DIAANTVIWDYKRDAPAHISTIGVCSMTDIAKKPTETICAPLTVFFDGRVDGQVDLFRNARNGVLITEGSVKGLQPSVGP
KQASLNGVTLIGEAVKTQFNYYKKVDGVVQQLPETYFTQSRNLQEFKPRSQMEIDFLELAMDEFIERYKLEGYAFEHIVY
GDFSHSQLGGLHLLIGLAKRFKESPFELEDFIPMDSTVKNYFITDAQTGSSKCVCSVIDLLLDDFVEIIKSQDLSVVSKV
VKVTIDYTEISFMLWCKDGHVETFYPKLQ
;
_entity_poly.pdbx_strand_id   A,B
#
# COMPACT_ATOMS: atom_id res chain seq x y z
N ALA A 2 31.33 16.75 2.91
CA ALA A 2 32.28 17.74 3.45
C ALA A 2 32.08 17.85 4.97
N MET A 3 32.03 16.68 5.62
CA MET A 3 31.77 16.58 7.05
C MET A 3 32.92 16.99 7.98
N SER A 4 32.57 17.57 9.12
CA SER A 4 33.52 17.99 10.15
C SER A 4 32.82 18.15 11.50
N LEU A 5 33.58 18.06 12.60
CA LEU A 5 33.05 18.25 13.93
C LEU A 5 32.48 19.66 14.09
N GLU A 6 33.22 20.68 13.65
CA GLU A 6 32.82 22.08 13.77
C GLU A 6 31.62 22.42 12.91
N ASN A 7 31.43 21.72 11.78
CA ASN A 7 30.29 21.90 10.93
C ASN A 7 29.03 21.23 11.54
N VAL A 8 29.17 20.04 12.14
CA VAL A 8 28.05 19.40 12.83
C VAL A 8 27.59 20.29 14.00
N ALA A 9 28.55 20.83 14.75
CA ALA A 9 28.30 21.72 15.86
C ALA A 9 27.64 23.03 15.41
N PHE A 10 28.06 23.59 14.25
CA PHE A 10 27.44 24.77 13.68
C PHE A 10 25.96 24.46 13.39
N ASN A 11 25.68 23.32 12.75
CA ASN A 11 24.33 22.89 12.48
C ASN A 11 23.52 22.71 13.77
N VAL A 12 24.10 22.11 14.82
CA VAL A 12 23.39 21.92 16.09
C VAL A 12 23.01 23.27 16.69
N VAL A 13 24.00 24.16 16.87
CA VAL A 13 23.82 25.52 17.39
C VAL A 13 22.80 26.36 16.59
N ASN A 14 22.87 26.33 15.26
CA ASN A 14 22.06 27.17 14.40
C ASN A 14 20.74 26.58 13.86
N LYS A 15 20.63 25.24 13.75
CA LYS A 15 19.44 24.58 13.22
C LYS A 15 18.77 23.61 14.20
N GLY A 16 19.37 23.38 15.38
CA GLY A 16 18.80 22.44 16.34
C GLY A 16 19.15 20.98 16.10
N HIS A 17 19.69 20.68 14.93
CA HIS A 17 20.10 19.35 14.47
C HIS A 17 20.97 19.52 13.20
N PHE A 18 21.46 18.41 12.63
CA PHE A 18 22.22 18.47 11.39
C PHE A 18 21.29 18.69 10.20
N ASP A 19 21.44 19.84 9.54
CA ASP A 19 20.60 20.23 8.42
C ASP A 19 21.39 20.45 7.09
N GLY A 20 22.65 20.03 7.06
CA GLY A 20 23.47 20.16 5.85
C GLY A 20 23.92 21.57 5.55
N GLN A 21 23.85 22.45 6.54
CA GLN A 21 24.26 23.84 6.37
C GLN A 21 25.78 24.01 6.39
N GLN A 22 26.27 25.08 5.79
CA GLN A 22 27.70 25.36 5.72
C GLN A 22 28.06 26.26 6.86
N GLY A 23 29.24 26.06 7.44
CA GLY A 23 29.68 26.87 8.55
C GLY A 23 30.35 26.05 9.64
N GLU A 24 31.03 26.73 10.54
CA GLU A 24 31.75 26.09 11.62
C GLU A 24 31.62 26.94 12.88
N VAL A 25 31.61 26.29 14.05
CA VAL A 25 31.66 26.96 15.35
C VAL A 25 32.83 26.33 16.12
N PRO A 26 33.57 27.10 16.94
CA PRO A 26 34.64 26.48 17.74
C PRO A 26 34.09 25.47 18.74
N VAL A 27 34.72 24.33 18.79
CA VAL A 27 34.31 23.22 19.66
C VAL A 27 35.44 22.79 20.56
N SER A 28 35.11 22.34 21.77
CA SER A 28 36.08 21.77 22.66
C SER A 28 35.52 20.45 23.21
N ILE A 29 36.35 19.42 23.24
CA ILE A 29 35.93 18.13 23.73
C ILE A 29 36.62 17.81 25.04
N ILE A 30 35.85 17.60 26.07
CA ILE A 30 36.41 17.27 27.39
C ILE A 30 35.44 16.35 28.06
N ASN A 31 35.86 15.38 28.90
N ASN A 31 36.09 15.28 28.49
CA ASN A 31 34.94 14.49 29.70
CA ASN A 31 35.66 14.03 29.02
C ASN A 31 33.63 13.95 28.98
C ASN A 31 35.05 13.40 27.74
N ASN A 32 33.78 13.23 27.84
CA ASN A 32 32.81 12.68 26.93
C ASN A 32 31.74 13.72 26.63
N THR A 33 32.09 15.02 26.65
CA THR A 33 31.14 16.07 26.40
C THR A 33 31.68 17.03 25.34
N VAL A 34 30.82 17.46 24.45
CA VAL A 34 31.16 18.41 23.44
C VAL A 34 30.68 19.77 23.93
N TYR A 35 31.56 20.79 23.88
CA TYR A 35 31.23 22.14 24.26
C TYR A 35 31.44 23.11 23.10
N THR A 36 30.78 24.25 23.15
CA THR A 36 31.01 25.33 22.21
C THR A 36 31.21 26.64 22.98
N LYS A 37 32.11 27.49 22.50
CA LYS A 37 32.42 28.78 23.13
C LYS A 37 31.34 29.81 22.76
N VAL A 38 30.63 30.36 23.75
CA VAL A 38 29.59 31.38 23.55
C VAL A 38 29.91 32.51 24.47
N ASP A 39 30.34 33.63 23.90
CA ASP A 39 30.70 34.83 24.65
C ASP A 39 31.72 34.54 25.76
N GLY A 40 32.81 33.91 25.34
CA GLY A 40 33.93 33.61 26.21
C GLY A 40 33.85 32.33 27.02
N VAL A 41 32.64 31.73 27.18
CA VAL A 41 32.52 30.53 28.00
C VAL A 41 31.98 29.32 27.28
N ASP A 42 32.37 28.14 27.76
CA ASP A 42 31.94 26.87 27.19
C ASP A 42 30.54 26.52 27.58
N VAL A 43 29.74 26.12 26.60
CA VAL A 43 28.36 25.74 26.77
C VAL A 43 28.24 24.33 26.24
N GLU A 44 27.71 23.43 27.07
CA GLU A 44 27.51 22.03 26.70
C GLU A 44 26.55 21.86 25.54
N LEU A 45 26.98 21.13 24.50
CA LEU A 45 26.13 20.81 23.35
C LEU A 45 25.64 19.37 23.40
N PHE A 46 26.48 18.47 23.93
CA PHE A 46 26.18 17.05 23.91
C PHE A 46 26.99 16.27 24.95
N GLU A 47 26.29 15.53 25.83
CA GLU A 47 26.99 14.68 26.79
C GLU A 47 26.84 13.28 26.27
N ASN A 48 27.94 12.66 25.95
CA ASN A 48 27.93 11.32 25.40
C ASN A 48 27.61 10.27 26.45
N LYS A 49 26.48 9.57 26.25
CA LYS A 49 26.08 8.44 27.08
C LYS A 49 26.20 7.13 26.29
N THR A 50 26.83 7.12 25.10
CA THR A 50 26.97 5.93 24.28
C THR A 50 28.33 5.25 24.53
N THR A 51 28.54 4.06 23.94
CA THR A 51 29.85 3.41 23.99
C THR A 51 30.71 3.80 22.74
N LEU A 52 30.24 4.77 21.94
CA LEU A 52 30.98 5.26 20.79
C LEU A 52 31.85 6.42 21.25
N PRO A 53 32.91 6.75 20.48
CA PRO A 53 33.68 7.97 20.79
C PRO A 53 32.76 9.20 20.77
N VAL A 54 33.01 10.17 21.63
CA VAL A 54 32.21 11.35 21.85
C VAL A 54 31.86 12.08 20.57
N ASN A 55 32.83 12.37 19.69
CA ASN A 55 32.56 13.10 18.46
C ASN A 55 31.72 12.30 17.48
N VAL A 56 31.91 10.97 17.45
CA VAL A 56 31.11 10.10 16.60
C VAL A 56 29.64 10.07 17.09
N ALA A 57 29.43 9.92 18.40
CA ALA A 57 28.07 9.91 18.95
C ALA A 57 27.37 11.25 18.70
N PHE A 58 28.10 12.36 18.80
CA PHE A 58 27.58 13.70 18.61
C PHE A 58 27.08 13.85 17.17
N GLU A 59 27.87 13.41 16.20
CA GLU A 59 27.47 13.47 14.82
C GLU A 59 26.23 12.62 14.54
N LEU A 60 26.16 11.40 15.12
CA LEU A 60 25.01 10.52 14.92
C LEU A 60 23.76 11.07 15.54
N TRP A 61 23.87 11.66 16.70
CA TRP A 61 22.73 12.29 17.35
C TRP A 61 22.27 13.50 16.51
N ALA A 62 23.19 14.37 16.07
CA ALA A 62 22.83 15.51 15.21
C ALA A 62 22.17 15.02 13.91
N LYS A 63 22.58 13.85 13.40
CA LYS A 63 22.02 13.30 12.17
C LYS A 63 20.83 12.36 12.40
N ARG A 64 20.21 12.42 13.59
CA ARG A 64 19.07 11.59 13.97
C ARG A 64 17.86 11.91 13.13
N ASN A 65 16.97 10.92 12.98
CA ASN A 65 15.75 11.12 12.19
C ASN A 65 14.81 11.99 13.03
N ILE A 66 14.39 13.14 12.48
CA ILE A 66 13.46 14.02 13.19
C ILE A 66 12.01 13.86 12.71
N LYS A 67 11.71 12.78 11.99
CA LYS A 67 10.35 12.49 11.53
C LYS A 67 9.78 11.41 12.43
N PRO A 68 8.45 11.21 12.50
CA PRO A 68 7.92 10.11 13.34
C PRO A 68 8.42 8.80 12.78
N VAL A 69 9.09 7.98 13.61
CA VAL A 69 9.65 6.72 13.14
C VAL A 69 9.16 5.56 13.99
N PRO A 70 9.30 4.31 13.51
CA PRO A 70 8.87 3.18 14.34
C PRO A 70 9.60 3.15 15.69
N GLU A 71 8.90 2.72 16.77
CA GLU A 71 9.55 2.61 18.07
C GLU A 71 10.61 1.49 18.00
N VAL A 72 11.75 1.69 18.66
CA VAL A 72 12.87 0.76 18.68
C VAL A 72 12.45 -0.69 18.95
N LYS A 73 11.46 -0.93 19.85
CA LYS A 73 10.96 -2.28 20.11
C LYS A 73 10.40 -2.94 18.86
N ILE A 74 9.72 -2.19 18.00
CA ILE A 74 9.17 -2.71 16.75
C ILE A 74 10.31 -3.06 15.78
N LEU A 75 11.28 -2.16 15.61
CA LEU A 75 12.41 -2.40 14.72
C LEU A 75 13.21 -3.64 15.17
N ASN A 76 13.40 -3.78 16.50
CA ASN A 76 14.12 -4.91 17.08
C ASN A 76 13.34 -6.19 16.84
N ASN A 77 12.02 -6.15 17.04
CA ASN A 77 11.18 -7.33 16.86
C ASN A 77 11.15 -7.83 15.45
N LEU A 78 11.36 -6.94 14.47
CA LEU A 78 11.45 -7.25 13.05
C LEU A 78 12.88 -7.60 12.60
N GLY A 79 13.86 -7.56 13.49
CA GLY A 79 15.24 -7.88 13.19
C GLY A 79 16.02 -6.85 12.43
N VAL A 80 15.70 -5.55 12.60
CA VAL A 80 16.42 -4.50 11.89
C VAL A 80 17.85 -4.37 12.44
N ASP A 81 18.84 -4.45 11.56
CA ASP A 81 20.25 -4.36 11.94
C ASP A 81 20.82 -2.95 11.75
N ILE A 82 20.35 -2.25 10.73
CA ILE A 82 20.89 -0.96 10.33
C ILE A 82 19.79 -0.18 9.59
N ALA A 83 19.93 1.15 9.47
CA ALA A 83 18.95 1.96 8.74
C ALA A 83 19.57 2.54 7.49
N ALA A 84 18.77 2.72 6.43
CA ALA A 84 19.27 3.27 5.19
C ALA A 84 19.29 4.78 5.22
N ASN A 85 20.49 5.33 5.22
CA ASN A 85 20.77 6.75 5.10
C ASN A 85 20.10 7.65 6.14
N THR A 86 19.98 7.15 7.37
CA THR A 86 19.42 7.87 8.51
C THR A 86 19.95 7.22 9.81
N VAL A 87 19.73 7.89 10.96
CA VAL A 87 20.07 7.33 12.25
C VAL A 87 18.78 7.25 13.03
N ILE A 88 18.45 6.06 13.56
CA ILE A 88 17.33 5.94 14.47
C ILE A 88 17.92 6.13 15.87
N TRP A 89 17.61 7.24 16.53
CA TRP A 89 18.12 7.50 17.86
C TRP A 89 17.25 6.81 18.90
N ASP A 90 17.86 6.06 19.78
CA ASP A 90 17.17 5.37 20.85
C ASP A 90 17.20 6.34 22.01
N TYR A 91 16.07 6.98 22.29
CA TYR A 91 15.96 7.96 23.33
C TYR A 91 15.97 7.43 24.71
N LYS A 92 15.55 6.17 24.89
CA LYS A 92 15.56 5.56 26.20
C LYS A 92 17.00 5.23 26.58
N ARG A 93 17.82 4.75 25.64
CA ARG A 93 19.23 4.45 25.91
C ARG A 93 20.16 5.64 25.63
N ASP A 94 19.66 6.74 25.01
CA ASP A 94 20.45 7.91 24.59
CA ASP A 94 20.47 7.90 24.61
C ASP A 94 21.63 7.46 23.74
N ALA A 95 21.34 6.61 22.79
CA ALA A 95 22.35 6.04 21.91
C ALA A 95 21.71 5.68 20.61
N PRO A 96 22.51 5.51 19.55
CA PRO A 96 21.96 5.06 18.28
C PRO A 96 21.34 3.66 18.45
N ALA A 97 20.18 3.41 17.87
CA ALA A 97 19.52 2.12 17.90
C ALA A 97 20.34 1.02 17.21
N HIS A 98 21.24 1.41 16.29
CA HIS A 98 22.05 0.51 15.48
C HIS A 98 23.56 0.85 15.55
N ILE A 99 24.39 -0.18 15.52
CA ILE A 99 25.86 -0.10 15.61
C ILE A 99 26.49 0.70 14.50
N SER A 100 26.10 0.39 13.26
CA SER A 100 26.68 0.97 12.07
C SER A 100 25.67 1.81 11.32
N THR A 101 26.16 2.55 10.33
CA THR A 101 25.33 3.39 9.50
C THR A 101 25.60 3.14 8.00
N ILE A 102 24.77 3.72 7.13
CA ILE A 102 24.92 3.66 5.69
C ILE A 102 24.69 5.08 5.22
N GLY A 103 25.74 5.70 4.67
CA GLY A 103 25.67 7.07 4.16
C GLY A 103 25.39 8.15 5.18
N VAL A 104 25.82 7.96 6.43
CA VAL A 104 25.57 8.94 7.50
C VAL A 104 26.86 9.58 8.10
N CYS A 105 27.76 8.76 8.64
CA CYS A 105 28.95 9.23 9.33
C CYS A 105 30.12 8.38 8.85
N SER A 106 31.25 9.02 8.55
CA SER A 106 32.43 8.31 8.04
C SER A 106 33.01 7.28 9.02
N MET A 107 32.81 7.48 10.33
CA MET A 107 33.31 6.56 11.33
C MET A 107 32.46 5.31 11.51
N THR A 108 31.15 5.45 11.36
CA THR A 108 30.25 4.32 11.57
C THR A 108 29.76 3.65 10.29
N ASP A 109 29.95 4.29 9.14
CA ASP A 109 29.49 3.75 7.87
C ASP A 109 30.15 2.46 7.47
N ILE A 110 29.34 1.47 7.11
CA ILE A 110 29.85 0.24 6.53
C ILE A 110 29.75 0.30 4.97
N ALA A 111 28.96 1.26 4.46
CA ALA A 111 28.67 1.53 3.06
C ALA A 111 28.12 2.97 2.96
N LYS A 112 28.08 3.52 1.73
CA LYS A 112 27.48 4.82 1.44
C LYS A 112 26.03 4.62 0.97
N LYS A 113 25.76 3.52 0.25
CA LYS A 113 24.44 3.18 -0.25
C LYS A 113 24.07 1.76 0.18
N PRO A 114 22.80 1.50 0.48
CA PRO A 114 22.41 0.15 0.92
C PRO A 114 22.52 -0.93 -0.18
N THR A 115 22.78 -0.51 -1.43
CA THR A 115 22.95 -1.44 -2.54
C THR A 115 24.33 -2.13 -2.55
N GLU A 116 25.25 -1.74 -1.64
CA GLU A 116 26.59 -2.33 -1.56
C GLU A 116 26.49 -3.74 -0.98
N THR A 117 27.25 -4.72 -1.54
CA THR A 117 27.17 -6.13 -1.15
C THR A 117 27.34 -6.36 0.36
N ILE A 118 27.99 -5.43 1.10
CA ILE A 118 28.15 -5.56 2.55
C ILE A 118 26.79 -5.56 3.27
N CYS A 119 25.80 -4.83 2.73
CA CYS A 119 24.46 -4.69 3.29
C CYS A 119 23.56 -5.86 3.02
N ALA A 120 23.83 -6.64 1.93
CA ALA A 120 23.00 -7.78 1.51
C ALA A 120 22.58 -8.70 2.64
N PRO A 121 23.49 -9.16 3.51
CA PRO A 121 23.06 -10.04 4.63
C PRO A 121 22.41 -9.35 5.85
N LEU A 122 22.40 -8.01 5.89
CA LEU A 122 21.84 -7.28 7.02
C LEU A 122 20.43 -6.82 6.71
N THR A 123 19.55 -6.80 7.72
CA THR A 123 18.20 -6.31 7.53
C THR A 123 18.25 -4.78 7.61
N VAL A 124 18.18 -4.14 6.45
CA VAL A 124 18.23 -2.69 6.35
C VAL A 124 16.83 -2.10 6.52
N PHE A 125 16.70 -1.03 7.30
CA PHE A 125 15.43 -0.34 7.48
C PHE A 125 15.31 0.68 6.35
N PHE A 126 14.20 0.66 5.60
CA PHE A 126 13.90 1.58 4.52
C PHE A 126 12.65 2.35 4.86
N ASP A 127 12.64 3.61 4.48
CA ASP A 127 11.58 4.56 4.75
C ASP A 127 10.97 4.99 3.41
N GLY A 128 9.79 4.50 3.12
CA GLY A 128 9.05 4.81 1.89
C GLY A 128 8.82 6.29 1.70
N ARG A 129 8.81 7.08 2.80
CA ARG A 129 8.66 8.54 2.74
C ARG A 129 9.87 9.25 2.11
N VAL A 130 11.00 8.55 1.99
CA VAL A 130 12.21 9.08 1.36
C VAL A 130 12.21 8.55 -0.07
N ASP A 131 12.46 9.43 -1.04
CA ASP A 131 12.52 9.09 -2.43
C ASP A 131 13.53 7.99 -2.71
N GLY A 132 13.11 6.99 -3.50
CA GLY A 132 13.93 5.87 -3.90
C GLY A 132 14.07 4.71 -2.93
N GLN A 133 13.57 4.86 -1.69
CA GLN A 133 13.76 3.80 -0.69
C GLN A 133 12.83 2.60 -0.86
N VAL A 134 11.66 2.77 -1.47
CA VAL A 134 10.80 1.60 -1.77
C VAL A 134 11.52 0.73 -2.83
N ASP A 135 12.17 1.38 -3.83
CA ASP A 135 12.94 0.66 -4.86
C ASP A 135 14.16 0.00 -4.26
N LEU A 136 14.83 0.66 -3.31
CA LEU A 136 15.98 0.10 -2.62
C LEU A 136 15.59 -1.13 -1.83
N PHE A 137 14.39 -1.12 -1.21
CA PHE A 137 13.85 -2.25 -0.49
C PHE A 137 13.61 -3.42 -1.47
N ARG A 138 13.05 -3.13 -2.66
CA ARG A 138 12.78 -4.16 -3.68
C ARG A 138 14.05 -4.86 -4.13
N ASN A 139 15.17 -4.15 -4.18
CA ASN A 139 16.44 -4.75 -4.60
C ASN A 139 17.30 -5.28 -3.45
N ALA A 140 16.96 -4.92 -2.19
CA ALA A 140 17.68 -5.41 -1.01
C ALA A 140 17.32 -6.86 -0.73
N ARG A 141 18.28 -7.67 -0.33
CA ARG A 141 18.06 -9.06 0.01
C ARG A 141 17.34 -9.14 1.35
N ASN A 142 17.73 -8.33 2.32
CA ASN A 142 17.11 -8.31 3.63
C ASN A 142 16.75 -6.87 3.96
N GLY A 143 15.56 -6.70 4.52
CA GLY A 143 15.09 -5.37 4.86
C GLY A 143 13.69 -5.30 5.44
N VAL A 144 13.39 -4.12 5.99
CA VAL A 144 12.11 -3.78 6.59
C VAL A 144 11.75 -2.43 6.00
N LEU A 145 10.54 -2.28 5.48
CA LEU A 145 10.10 -1.06 4.85
C LEU A 145 8.86 -0.53 5.55
N ILE A 146 8.79 0.78 5.71
CA ILE A 146 7.58 1.42 6.19
C ILE A 146 7.09 2.39 5.11
N THR A 147 5.79 2.52 4.94
CA THR A 147 5.22 3.46 3.99
C THR A 147 3.95 4.10 4.57
N GLU A 148 3.53 5.22 3.97
CA GLU A 148 2.29 5.87 4.39
C GLU A 148 1.06 5.31 3.64
N GLY A 149 1.27 4.75 2.44
CA GLY A 149 0.21 4.17 1.62
C GLY A 149 0.61 2.88 0.93
N SER A 150 -0.07 2.56 -0.17
CA SER A 150 0.17 1.34 -0.93
C SER A 150 1.46 1.27 -1.75
N VAL A 151 2.05 0.07 -1.83
CA VAL A 151 3.22 -0.22 -2.65
C VAL A 151 2.72 -1.25 -3.64
N LYS A 152 2.73 -0.96 -4.96
CA LYS A 152 2.16 -1.86 -5.95
C LYS A 152 2.68 -3.32 -5.85
N GLY A 153 1.75 -4.24 -5.66
CA GLY A 153 2.08 -5.66 -5.56
C GLY A 153 2.43 -6.14 -4.17
N LEU A 154 2.98 -5.27 -3.32
CA LEU A 154 3.37 -5.65 -1.97
C LEU A 154 2.22 -5.69 -0.98
N GLN A 155 2.00 -6.84 -0.36
CA GLN A 155 0.93 -7.02 0.63
C GLN A 155 1.33 -6.37 1.95
N PRO A 156 0.54 -5.41 2.45
CA PRO A 156 0.98 -4.68 3.64
C PRO A 156 0.60 -5.31 4.96
N SER A 157 1.28 -4.84 6.00
CA SER A 157 1.00 -5.20 7.37
C SER A 157 0.76 -3.83 8.04
N VAL A 158 -0.44 -3.63 8.60
CA VAL A 158 -0.73 -2.36 9.28
C VAL A 158 0.00 -2.39 10.63
N GLY A 159 0.87 -1.41 10.85
CA GLY A 159 1.60 -1.32 12.09
C GLY A 159 0.80 -0.67 13.20
N PRO A 160 1.46 -0.37 14.34
CA PRO A 160 0.71 0.31 15.43
C PRO A 160 0.34 1.74 15.04
N LYS A 161 -0.62 2.29 15.77
CA LYS A 161 -1.05 3.67 15.54
C LYS A 161 0.04 4.67 15.89
N GLN A 162 0.84 4.36 16.90
CA GLN A 162 1.86 5.26 17.41
C GLN A 162 3.23 5.08 16.79
N ALA A 163 3.97 6.17 16.78
CA ALA A 163 5.34 6.23 16.34
C ALA A 163 6.09 7.19 17.30
N SER A 164 7.42 7.18 17.25
CA SER A 164 8.25 8.02 18.08
C SER A 164 8.68 9.27 17.28
N LEU A 165 8.35 10.46 17.78
CA LEU A 165 8.79 11.70 17.17
C LEU A 165 9.72 12.41 18.18
N ASN A 166 11.03 12.43 17.86
CA ASN A 166 12.05 13.03 18.71
C ASN A 166 12.06 12.49 20.14
N GLY A 167 11.70 11.22 20.30
CA GLY A 167 11.64 10.56 21.59
C GLY A 167 10.25 10.54 22.22
N VAL A 168 9.28 11.19 21.58
CA VAL A 168 7.93 11.27 22.10
C VAL A 168 7.06 10.30 21.36
N THR A 169 6.55 9.29 22.05
CA THR A 169 5.66 8.34 21.46
C THR A 169 4.29 8.98 21.42
N LEU A 170 3.64 8.94 20.26
CA LEU A 170 2.33 9.55 20.08
C LEU A 170 1.60 9.01 18.85
N ILE A 171 0.27 9.20 18.86
CA ILE A 171 -0.59 8.88 17.74
C ILE A 171 -0.80 10.23 17.06
N GLY A 172 -0.18 10.39 15.90
CA GLY A 172 -0.12 11.64 15.14
C GLY A 172 -1.42 12.21 14.64
N GLU A 173 -1.54 13.55 14.76
CA GLU A 173 -2.68 14.30 14.28
C GLU A 173 -2.23 15.23 13.17
N ALA A 174 -1.12 15.93 13.38
CA ALA A 174 -0.54 16.80 12.35
C ALA A 174 0.44 16.04 11.41
N VAL A 175 0.80 14.79 11.76
CA VAL A 175 1.70 13.90 11.02
C VAL A 175 1.16 12.50 11.05
N LYS A 176 1.51 11.69 10.05
CA LYS A 176 1.09 10.31 10.02
C LYS A 176 2.02 9.47 10.88
N THR A 177 1.47 8.69 11.82
CA THR A 177 2.27 7.80 12.66
C THR A 177 2.01 6.31 12.39
N GLN A 178 0.89 5.97 11.69
CA GLN A 178 0.56 4.58 11.34
C GLN A 178 1.15 4.26 9.96
N PHE A 179 2.05 3.28 9.93
CA PHE A 179 2.72 2.90 8.69
C PHE A 179 2.36 1.49 8.28
N ASN A 180 2.53 1.22 6.99
CA ASN A 180 2.43 -0.12 6.46
C ASN A 180 3.83 -0.68 6.63
N TYR A 181 3.92 -1.94 7.00
CA TYR A 181 5.20 -2.60 7.22
C TYR A 181 5.41 -3.70 6.23
N TYR A 182 6.63 -3.85 5.76
CA TYR A 182 7.01 -4.93 4.83
C TYR A 182 8.36 -5.47 5.27
N LYS A 183 8.58 -6.79 5.14
CA LYS A 183 9.83 -7.42 5.52
C LYS A 183 10.30 -8.40 4.43
N LYS A 184 11.60 -8.57 4.26
CA LYS A 184 12.17 -9.46 3.27
C LYS A 184 13.32 -10.20 3.91
N VAL A 185 13.39 -11.50 3.73
CA VAL A 185 14.46 -12.33 4.24
C VAL A 185 14.97 -13.14 3.07
N ASP A 186 16.26 -13.02 2.74
CA ASP A 186 16.89 -13.76 1.64
C ASP A 186 16.22 -13.53 0.28
N GLY A 187 15.95 -12.26 -0.01
CA GLY A 187 15.34 -11.82 -1.26
C GLY A 187 13.84 -12.06 -1.34
N VAL A 188 13.25 -12.67 -0.32
CA VAL A 188 11.86 -13.06 -0.33
C VAL A 188 11.02 -12.27 0.66
N VAL A 189 9.96 -11.62 0.20
CA VAL A 189 9.00 -10.88 1.00
C VAL A 189 8.30 -11.85 1.91
N GLN A 190 8.37 -11.61 3.19
CA GLN A 190 7.79 -12.46 4.19
C GLN A 190 6.44 -11.96 4.62
N GLN A 191 5.58 -12.88 4.97
CA GLN A 191 4.24 -12.59 5.45
C GLN A 191 4.38 -12.23 6.92
N LEU A 192 4.10 -10.97 7.25
CA LEU A 192 4.17 -10.54 8.63
C LEU A 192 2.96 -11.13 9.35
N PRO A 193 3.19 -11.71 10.53
CA PRO A 193 2.09 -12.35 11.24
C PRO A 193 1.02 -11.38 11.72
N GLU A 194 -0.15 -11.93 12.06
CA GLU A 194 -1.23 -11.17 12.70
C GLU A 194 -0.71 -10.89 14.11
N THR A 195 -0.88 -9.65 14.58
CA THR A 195 -0.29 -9.27 15.84
C THR A 195 -1.09 -8.27 16.62
N TYR A 196 -0.97 -8.34 17.92
CA TYR A 196 -1.50 -7.32 18.82
C TYR A 196 -0.37 -6.25 18.89
N PHE A 197 -0.67 -5.10 19.45
CA PHE A 197 0.33 -4.07 19.66
C PHE A 197 0.29 -3.57 21.09
N THR A 198 1.48 -3.35 21.65
CA THR A 198 1.58 -2.74 22.98
C THR A 198 1.22 -1.24 22.78
N GLN A 199 0.65 -0.62 23.83
CA GLN A 199 0.15 0.74 23.82
C GLN A 199 1.17 1.82 24.10
N SER A 200 2.37 1.45 24.58
CA SER A 200 3.48 2.39 24.84
C SER A 200 3.14 3.55 25.82
N ARG A 201 2.32 3.28 26.85
CA ARG A 201 1.95 4.32 27.81
C ARG A 201 2.90 4.41 29.00
N ASN A 202 2.93 5.58 29.65
CA ASN A 202 3.75 5.78 30.83
C ASN A 202 2.91 5.52 32.06
N LEU A 203 3.55 5.16 33.14
CA LEU A 203 2.88 4.92 34.40
C LEU A 203 2.33 6.24 34.98
N GLN A 204 3.13 7.30 34.91
CA GLN A 204 2.77 8.61 35.46
C GLN A 204 1.66 9.34 34.70
N GLU A 205 1.63 9.23 33.36
CA GLU A 205 0.62 9.92 32.57
C GLU A 205 -0.26 8.93 31.80
N PHE A 206 -0.68 7.86 32.46
CA PHE A 206 -1.51 6.83 31.83
C PHE A 206 -2.91 7.32 31.51
N LYS A 207 -3.37 7.05 30.28
CA LYS A 207 -4.71 7.42 29.88
C LYS A 207 -5.46 6.21 29.29
N PRO A 208 -6.67 5.91 29.80
CA PRO A 208 -7.44 4.79 29.27
C PRO A 208 -7.82 4.99 27.79
N ARG A 209 -7.76 3.92 27.00
CA ARG A 209 -8.06 4.00 25.58
C ARG A 209 -9.28 3.17 25.14
N SER A 210 -10.18 2.86 26.09
CA SER A 210 -11.40 2.11 25.82
C SER A 210 -12.37 2.25 27.01
N GLN A 211 -13.64 1.86 26.82
CA GLN A 211 -14.61 1.92 27.91
C GLN A 211 -14.23 0.92 29.01
N MET A 212 -13.71 -0.26 28.63
CA MET A 212 -13.26 -1.25 29.60
C MET A 212 -12.15 -0.68 30.50
N GLU A 213 -11.20 0.04 29.90
CA GLU A 213 -10.10 0.67 30.61
C GLU A 213 -10.58 1.83 31.48
N ILE A 214 -11.60 2.57 31.02
CA ILE A 214 -12.19 3.68 31.78
C ILE A 214 -12.89 3.10 33.04
N ASP A 215 -13.56 1.95 32.88
CA ASP A 215 -14.25 1.25 33.95
C ASP A 215 -13.25 0.63 34.93
N PHE A 216 -12.13 0.09 34.42
CA PHE A 216 -11.11 -0.51 35.30
C PHE A 216 -10.54 0.53 36.26
N LEU A 217 -10.25 1.72 35.76
CA LEU A 217 -9.69 2.79 36.56
C LEU A 217 -10.69 3.48 37.48
N GLU A 218 -11.98 3.51 37.09
CA GLU A 218 -13.00 4.16 37.91
C GLU A 218 -13.63 3.21 38.93
N LEU A 219 -14.07 2.03 38.47
CA LEU A 219 -14.72 1.02 39.30
C LEU A 219 -13.77 0.34 40.28
N ALA A 220 -14.33 -0.20 41.37
CA ALA A 220 -13.59 -0.99 42.35
C ALA A 220 -13.35 -2.40 41.75
N MET A 221 -12.38 -3.12 42.29
CA MET A 221 -12.00 -4.44 41.78
C MET A 221 -13.18 -5.43 41.57
N ASP A 222 -13.95 -5.72 42.64
CA ASP A 222 -15.03 -6.71 42.57
C ASP A 222 -16.21 -6.32 41.67
N GLU A 223 -16.43 -5.02 41.41
CA GLU A 223 -17.53 -4.63 40.54
C GLU A 223 -17.10 -4.60 39.07
N PHE A 224 -15.81 -4.29 38.78
CA PHE A 224 -15.33 -4.31 37.40
C PHE A 224 -15.38 -5.74 36.87
N ILE A 225 -14.82 -6.68 37.66
CA ILE A 225 -14.79 -8.11 37.37
C ILE A 225 -16.22 -8.66 37.16
N GLU A 226 -17.20 -8.11 37.90
CA GLU A 226 -18.60 -8.48 37.76
C GLU A 226 -19.13 -8.03 36.41
N ARG A 227 -18.94 -6.74 36.07
CA ARG A 227 -19.41 -6.14 34.82
C ARG A 227 -18.85 -6.81 33.56
N TYR A 228 -17.57 -7.19 33.60
CA TYR A 228 -16.93 -7.77 32.42
C TYR A 228 -16.82 -9.29 32.42
N LYS A 229 -17.55 -9.96 33.33
CA LYS A 229 -17.60 -11.42 33.43
C LYS A 229 -16.19 -12.02 33.55
N LEU A 230 -15.36 -11.42 34.40
CA LEU A 230 -14.00 -11.88 34.58
C LEU A 230 -13.79 -12.79 35.80
N GLU A 231 -14.88 -13.32 36.36
CA GLU A 231 -14.80 -14.22 37.51
C GLU A 231 -14.09 -15.52 37.12
N GLY A 232 -13.08 -15.88 37.89
CA GLY A 232 -12.28 -17.06 37.64
C GLY A 232 -11.06 -16.83 36.76
N TYR A 233 -10.80 -15.58 36.33
CA TYR A 233 -9.66 -15.28 35.48
C TYR A 233 -8.45 -14.70 36.21
N ALA A 234 -8.50 -14.64 37.55
CA ALA A 234 -7.45 -14.15 38.45
C ALA A 234 -6.96 -12.73 38.16
N PHE A 235 -7.87 -11.82 37.75
CA PHE A 235 -7.49 -10.42 37.53
C PHE A 235 -7.04 -9.74 38.84
N GLU A 236 -7.56 -10.22 39.99
CA GLU A 236 -7.21 -9.77 41.33
C GLU A 236 -5.70 -9.89 41.56
N HIS A 237 -5.12 -11.03 41.13
CA HIS A 237 -3.69 -11.31 41.23
C HIS A 237 -2.91 -10.70 40.04
N ILE A 238 -3.26 -11.09 38.80
CA ILE A 238 -2.60 -10.68 37.55
C ILE A 238 -2.60 -9.18 37.28
N VAL A 239 -3.76 -8.54 37.28
CA VAL A 239 -3.85 -7.13 36.89
C VAL A 239 -3.82 -6.19 38.08
N TYR A 240 -4.66 -6.42 39.09
CA TYR A 240 -4.75 -5.56 40.26
C TYR A 240 -3.52 -5.65 41.15
N GLY A 241 -2.97 -6.85 41.27
CA GLY A 241 -1.82 -7.07 42.12
C GLY A 241 -2.20 -7.39 43.56
N ASP A 242 -1.39 -8.23 44.20
CA ASP A 242 -1.59 -8.64 45.57
C ASP A 242 -0.43 -8.07 46.39
N PHE A 243 -0.72 -7.14 47.30
CA PHE A 243 0.32 -6.51 48.11
C PHE A 243 0.29 -6.97 49.57
N SER A 244 -0.26 -8.16 49.85
CA SER A 244 -0.41 -8.66 51.21
C SER A 244 0.77 -9.46 51.75
N HIS A 245 1.51 -10.14 50.87
CA HIS A 245 2.66 -10.94 51.29
C HIS A 245 3.98 -10.24 50.94
N SER A 246 5.13 -10.70 51.49
CA SER A 246 6.43 -10.10 51.22
C SER A 246 6.72 -10.09 49.71
N GLN A 247 6.35 -11.18 49.01
CA GLN A 247 6.47 -11.21 47.57
C GLN A 247 5.16 -10.69 46.96
N LEU A 248 5.27 -9.58 46.19
CA LEU A 248 4.17 -8.93 45.46
C LEU A 248 3.59 -9.95 44.48
N GLY A 249 2.28 -10.08 44.47
CA GLY A 249 1.58 -11.02 43.62
C GLY A 249 1.12 -10.42 42.30
N GLY A 250 1.48 -11.07 41.21
CA GLY A 250 1.09 -10.67 39.87
C GLY A 250 1.58 -9.30 39.46
N LEU A 251 0.63 -8.41 39.09
CA LEU A 251 0.88 -7.04 38.66
C LEU A 251 1.69 -7.01 37.37
N HIS A 252 1.13 -7.63 36.31
CA HIS A 252 1.83 -7.75 35.04
C HIS A 252 1.28 -6.89 33.90
N LEU A 253 0.17 -6.18 34.12
CA LEU A 253 -0.41 -5.31 33.10
C LEU A 253 -0.21 -3.88 33.52
N LEU A 254 0.35 -3.04 32.63
CA LEU A 254 0.64 -1.65 32.96
C LEU A 254 -0.55 -0.88 33.56
N ILE A 255 -1.78 -1.14 33.07
CA ILE A 255 -2.96 -0.47 33.62
C ILE A 255 -3.14 -0.74 35.14
N GLY A 256 -2.79 -1.94 35.61
CA GLY A 256 -2.84 -2.26 37.03
C GLY A 256 -1.85 -1.43 37.83
N LEU A 257 -0.65 -1.25 37.30
CA LEU A 257 0.37 -0.43 37.93
C LEU A 257 -0.10 1.04 37.97
N ALA A 258 -0.80 1.50 36.90
CA ALA A 258 -1.31 2.87 36.80
C ALA A 258 -2.39 3.14 37.81
N LYS A 259 -3.26 2.15 38.06
CA LYS A 259 -4.34 2.29 39.02
C LYS A 259 -3.76 2.41 40.43
N ARG A 260 -2.85 1.48 40.80
CA ARG A 260 -2.16 1.43 42.08
C ARG A 260 -1.41 2.73 42.33
N PHE A 261 -0.77 3.29 41.29
CA PHE A 261 0.01 4.51 41.36
C PHE A 261 -0.77 5.74 41.86
N LYS A 262 -2.08 5.80 41.58
CA LYS A 262 -2.91 6.93 42.03
C LYS A 262 -3.13 6.90 43.54
N GLU A 263 -3.20 5.71 44.14
CA GLU A 263 -3.41 5.56 45.57
C GLU A 263 -2.08 5.71 46.32
N SER A 264 -1.08 4.87 45.98
CA SER A 264 0.20 4.91 46.65
C SER A 264 1.36 4.71 45.68
N PRO A 265 2.51 5.33 45.98
CA PRO A 265 3.66 5.22 45.07
C PRO A 265 4.41 3.92 45.23
N PHE A 266 5.25 3.61 44.27
CA PHE A 266 6.09 2.42 44.31
C PHE A 266 7.35 2.64 43.46
N GLU A 267 8.38 1.88 43.75
CA GLU A 267 9.64 1.99 43.02
C GLU A 267 9.66 0.93 41.95
N LEU A 268 10.05 1.31 40.72
CA LEU A 268 10.20 0.36 39.62
C LEU A 268 11.63 0.49 39.17
N GLU A 269 12.45 -0.50 39.41
CA GLU A 269 13.83 -0.50 38.98
C GLU A 269 13.88 -1.16 37.58
N ASP A 270 14.20 -0.36 36.58
CA ASP A 270 14.32 -0.79 35.20
C ASP A 270 15.77 -1.30 35.03
N PHE A 271 16.07 -2.54 35.44
CA PHE A 271 17.45 -3.05 35.42
C PHE A 271 18.00 -3.39 34.01
N ILE A 272 17.15 -3.47 32.97
CA ILE A 272 17.63 -3.59 31.59
C ILE A 272 16.97 -2.43 30.88
N PRO A 273 17.49 -1.20 31.03
CA PRO A 273 16.80 -0.04 30.47
C PRO A 273 16.88 0.11 28.95
N MET A 274 15.92 -0.48 28.29
CA MET A 274 15.81 -0.46 26.85
C MET A 274 14.35 -0.60 26.44
N ASP A 275 14.03 -0.18 25.23
CA ASP A 275 12.67 -0.32 24.73
C ASP A 275 12.44 -1.81 24.44
N SER A 276 11.41 -2.39 25.04
CA SER A 276 11.03 -3.77 24.73
C SER A 276 9.55 -4.01 24.95
N THR A 277 8.95 -4.90 24.15
CA THR A 277 7.54 -5.30 24.23
C THR A 277 7.17 -5.73 25.66
N VAL A 278 8.00 -6.56 26.27
CA VAL A 278 7.81 -6.95 27.65
C VAL A 278 8.94 -6.28 28.48
N LYS A 279 8.57 -5.60 29.55
CA LYS A 279 9.53 -4.96 30.42
C LYS A 279 9.68 -5.72 31.73
N ASN A 280 10.86 -5.69 32.36
CA ASN A 280 11.09 -6.36 33.64
C ASN A 280 11.49 -5.33 34.65
N TYR A 281 10.84 -5.33 35.81
CA TYR A 281 11.16 -4.36 36.87
C TYR A 281 11.30 -5.03 38.21
N PHE A 282 12.16 -4.47 39.05
CA PHE A 282 12.30 -4.90 40.44
C PHE A 282 11.41 -3.90 41.13
N ILE A 283 10.24 -4.33 41.59
CA ILE A 283 9.26 -3.43 42.18
C ILE A 283 9.24 -3.52 43.70
N THR A 284 9.14 -2.38 44.37
CA THR A 284 9.06 -2.28 45.82
C THR A 284 7.85 -1.39 46.06
N ASP A 285 6.78 -1.91 46.65
CA ASP A 285 5.59 -1.11 46.95
C ASP A 285 5.87 -0.31 48.23
N ALA A 286 5.78 1.03 48.15
CA ALA A 286 6.11 1.89 49.30
C ALA A 286 5.15 1.78 50.48
N GLN A 287 3.86 1.59 50.21
CA GLN A 287 2.84 1.51 51.25
C GLN A 287 2.91 0.24 52.10
N THR A 288 2.99 -0.91 51.46
CA THR A 288 2.99 -2.19 52.16
C THR A 288 4.37 -2.79 52.40
N GLY A 289 5.33 -2.51 51.52
CA GLY A 289 6.62 -3.17 51.60
C GLY A 289 6.63 -4.50 50.84
N SER A 290 5.58 -4.75 50.03
CA SER A 290 5.52 -5.92 49.16
C SER A 290 6.54 -5.68 48.05
N SER A 291 7.29 -6.71 47.63
CA SER A 291 8.28 -6.51 46.58
C SER A 291 8.49 -7.76 45.69
N LYS A 292 9.06 -7.56 44.50
CA LYS A 292 9.33 -8.65 43.58
C LYS A 292 10.49 -8.24 42.69
N CYS A 293 11.53 -9.08 42.64
CA CYS A 293 12.76 -8.90 41.86
C CYS A 293 12.52 -8.78 40.38
N VAL A 294 11.70 -9.64 39.80
CA VAL A 294 11.42 -9.62 38.38
C VAL A 294 9.93 -9.65 38.15
N CYS A 295 9.35 -8.47 38.00
CA CYS A 295 7.94 -8.36 37.69
C CYS A 295 7.81 -7.97 36.23
N SER A 296 7.48 -8.95 35.37
CA SER A 296 7.34 -8.66 33.95
C SER A 296 6.07 -7.85 33.71
N VAL A 297 6.17 -6.75 32.97
CA VAL A 297 5.09 -5.83 32.74
C VAL A 297 4.88 -5.63 31.24
N ILE A 298 3.65 -5.75 30.79
CA ILE A 298 3.31 -5.53 29.39
C ILE A 298 2.18 -4.50 29.31
N ASP A 299 2.27 -3.59 28.33
CA ASP A 299 1.21 -2.61 28.16
C ASP A 299 0.32 -2.99 27.00
N LEU A 300 -0.62 -3.87 27.24
CA LEU A 300 -1.62 -4.23 26.24
C LEU A 300 -2.87 -3.44 26.57
N LEU A 301 -3.72 -3.15 25.56
CA LEU A 301 -5.04 -2.53 25.80
C LEU A 301 -5.82 -3.60 26.61
N LEU A 302 -6.44 -3.23 27.73
CA LEU A 302 -7.12 -4.22 28.59
C LEU A 302 -8.06 -5.16 27.84
N ASP A 303 -8.71 -4.66 26.79
CA ASP A 303 -9.61 -5.44 25.95
C ASP A 303 -8.83 -6.54 25.22
N ASP A 304 -7.63 -6.22 24.74
CA ASP A 304 -6.77 -7.18 24.07
C ASP A 304 -6.29 -8.25 25.05
N PHE A 305 -5.90 -7.84 26.27
CA PHE A 305 -5.44 -8.79 27.28
C PHE A 305 -6.58 -9.73 27.71
N VAL A 306 -7.79 -9.17 27.87
CA VAL A 306 -9.00 -9.92 28.22
C VAL A 306 -9.31 -10.92 27.11
N GLU A 307 -9.19 -10.50 25.84
CA GLU A 307 -9.42 -11.36 24.69
C GLU A 307 -8.42 -12.52 24.66
N ILE A 308 -7.15 -12.23 24.95
CA ILE A 308 -6.08 -13.23 24.98
C ILE A 308 -6.35 -14.26 26.08
N ILE A 309 -6.60 -13.81 27.33
CA ILE A 309 -6.80 -14.72 28.45
C ILE A 309 -8.11 -15.51 28.32
N LYS A 310 -9.16 -14.90 27.78
CA LYS A 310 -10.44 -15.59 27.59
C LYS A 310 -10.42 -16.60 26.42
N SER A 311 -9.38 -16.58 25.58
CA SER A 311 -9.28 -17.53 24.47
C SER A 311 -8.33 -18.69 24.76
N GLN A 312 -8.13 -19.00 26.05
CA GLN A 312 -7.23 -20.08 26.44
C GLN A 312 -7.97 -21.22 27.08
N ASP A 313 -7.50 -22.45 26.82
CA ASP A 313 -8.05 -23.64 27.45
C ASP A 313 -7.50 -23.65 28.87
N LEU A 314 -8.39 -23.70 29.87
CA LEU A 314 -7.98 -23.64 31.28
C LEU A 314 -7.96 -24.99 31.99
N SER A 315 -7.94 -26.10 31.23
CA SER A 315 -7.95 -27.43 31.83
C SER A 315 -6.57 -28.05 32.12
N VAL A 316 -5.49 -27.25 32.19
CA VAL A 316 -4.15 -27.79 32.46
C VAL A 316 -3.45 -27.01 33.58
N VAL A 317 -2.66 -27.69 34.42
CA VAL A 317 -1.95 -27.03 35.51
C VAL A 317 -1.02 -25.90 35.00
N SER A 318 -0.08 -26.21 34.09
CA SER A 318 0.83 -25.19 33.58
C SER A 318 1.18 -25.40 32.12
N LYS A 319 1.17 -24.32 31.34
CA LYS A 319 1.55 -24.39 29.93
C LYS A 319 2.01 -23.06 29.37
N VAL A 320 2.71 -23.11 28.23
CA VAL A 320 3.18 -21.91 27.56
C VAL A 320 2.15 -21.52 26.52
N VAL A 321 1.69 -20.28 26.58
CA VAL A 321 0.75 -19.71 25.64
C VAL A 321 1.53 -18.70 24.83
N LYS A 322 1.68 -18.94 23.53
CA LYS A 322 2.44 -18.04 22.67
C LYS A 322 1.53 -17.08 21.93
N VAL A 323 1.74 -15.77 22.12
CA VAL A 323 0.92 -14.72 21.50
C VAL A 323 1.81 -13.75 20.73
N THR A 324 1.49 -13.47 19.47
CA THR A 324 2.26 -12.51 18.69
C THR A 324 1.84 -11.06 19.09
N ILE A 325 2.80 -10.30 19.67
CA ILE A 325 2.62 -8.92 20.12
C ILE A 325 3.81 -8.10 19.57
N ASP A 326 3.53 -6.96 18.90
CA ASP A 326 4.55 -6.11 18.29
C ASP A 326 5.43 -6.89 17.31
N TYR A 327 4.79 -7.86 16.59
CA TYR A 327 5.41 -8.73 15.59
C TYR A 327 6.23 -9.87 16.17
N THR A 328 6.50 -9.87 17.48
CA THR A 328 7.29 -10.95 18.08
C THR A 328 6.38 -11.95 18.85
N GLU A 329 6.83 -13.18 19.02
CA GLU A 329 6.08 -14.19 19.80
C GLU A 329 6.41 -14.05 21.27
N ILE A 330 5.43 -13.66 22.08
CA ILE A 330 5.61 -13.56 23.52
C ILE A 330 5.07 -14.82 24.18
N SER A 331 5.90 -15.46 25.00
CA SER A 331 5.50 -16.67 25.71
C SER A 331 4.95 -16.29 27.05
N PHE A 332 3.73 -16.69 27.34
CA PHE A 332 3.04 -16.42 28.58
C PHE A 332 2.92 -17.72 29.35
N MET A 333 3.15 -17.68 30.66
CA MET A 333 3.02 -18.87 31.47
C MET A 333 1.61 -18.87 32.04
N LEU A 334 0.79 -19.87 31.68
CA LEU A 334 -0.58 -19.94 32.16
C LEU A 334 -0.71 -21.01 33.24
N TRP A 335 -1.11 -20.60 34.44
CA TRP A 335 -1.28 -21.53 35.55
C TRP A 335 -2.74 -21.64 35.91
N CYS A 336 -3.28 -22.87 35.91
CA CYS A 336 -4.69 -23.08 36.22
C CYS A 336 -4.89 -24.10 37.37
N LYS A 337 -6.13 -24.16 37.89
CA LYS A 337 -6.55 -25.07 38.96
C LYS A 337 -8.08 -25.10 38.90
N ASP A 338 -8.67 -26.31 38.84
CA ASP A 338 -10.11 -26.52 38.80
C ASP A 338 -10.86 -25.70 37.74
N GLY A 339 -10.26 -25.56 36.57
CA GLY A 339 -10.86 -24.82 35.48
C GLY A 339 -10.81 -23.30 35.62
N HIS A 340 -10.08 -22.81 36.62
CA HIS A 340 -9.94 -21.38 36.82
C HIS A 340 -8.47 -20.97 36.76
N VAL A 341 -8.20 -19.73 36.35
CA VAL A 341 -6.85 -19.22 36.26
C VAL A 341 -6.29 -18.91 37.65
N GLU A 342 -5.04 -19.22 37.87
CA GLU A 342 -4.33 -18.89 39.10
C GLU A 342 -3.43 -17.68 38.80
N THR A 343 -2.66 -17.75 37.69
CA THR A 343 -1.82 -16.66 37.19
C THR A 343 -1.56 -16.78 35.69
N PHE A 344 -1.21 -15.67 35.05
CA PHE A 344 -0.94 -15.60 33.61
C PHE A 344 0.04 -14.45 33.45
N TYR A 345 1.31 -14.75 33.19
CA TYR A 345 2.32 -13.71 33.11
C TYR A 345 3.25 -13.88 31.93
N PRO A 346 3.79 -12.78 31.37
CA PRO A 346 4.76 -12.91 30.28
C PRO A 346 6.03 -13.63 30.77
N LYS A 347 6.14 -14.95 30.47
CA LYS A 347 7.19 -15.90 30.87
C LYS A 347 8.61 -15.37 30.76
N LEU A 348 9.30 -15.41 31.90
CA LEU A 348 10.68 -14.99 32.11
C LEU A 348 11.56 -16.14 31.57
N GLN A 349 12.17 -15.94 30.38
CA GLN A 349 13.00 -16.93 29.68
C GLN A 349 14.19 -17.48 30.50
N ALA B 2 -29.12 23.79 -32.47
CA ALA B 2 -30.02 23.61 -33.61
C ALA B 2 -29.88 22.16 -34.11
N MET B 3 -29.94 21.22 -33.19
CA MET B 3 -29.75 19.81 -33.49
C MET B 3 -30.91 19.11 -34.22
N SER B 4 -30.57 18.20 -35.13
CA SER B 4 -31.54 17.43 -35.89
C SER B 4 -30.91 16.14 -36.44
N LEU B 5 -31.72 15.14 -36.71
CA LEU B 5 -31.25 13.88 -37.28
C LEU B 5 -30.58 14.13 -38.65
N GLU B 6 -31.22 14.90 -39.52
CA GLU B 6 -30.72 15.21 -40.87
C GLU B 6 -29.45 16.03 -40.87
N ASN B 7 -29.26 16.87 -39.83
CA ASN B 7 -28.06 17.66 -39.68
C ASN B 7 -26.90 16.78 -39.17
N VAL B 8 -27.15 15.87 -38.24
CA VAL B 8 -26.11 14.94 -37.76
C VAL B 8 -25.65 14.07 -38.94
N ALA B 9 -26.62 13.57 -39.73
CA ALA B 9 -26.36 12.77 -40.90
C ALA B 9 -25.58 13.55 -41.96
N PHE B 10 -25.90 14.83 -42.19
CA PHE B 10 -25.15 15.69 -43.10
C PHE B 10 -23.68 15.76 -42.63
N ASN B 11 -23.47 16.01 -41.34
CA ASN B 11 -22.13 16.05 -40.77
C ASN B 11 -21.41 14.70 -40.95
N VAL B 12 -22.08 13.57 -40.73
CA VAL B 12 -21.46 12.27 -40.89
C VAL B 12 -21.02 12.07 -42.34
N VAL B 13 -21.95 12.22 -43.29
CA VAL B 13 -21.69 12.11 -44.73
C VAL B 13 -20.58 13.06 -45.25
N ASN B 14 -20.58 14.32 -44.81
CA ASN B 14 -19.66 15.32 -45.30
C ASN B 14 -18.37 15.56 -44.51
N LYS B 15 -18.35 15.26 -43.21
CA LYS B 15 -17.18 15.48 -42.35
C LYS B 15 -16.63 14.21 -41.70
N GLY B 16 -17.30 13.07 -41.85
CA GLY B 16 -16.87 11.83 -41.22
C GLY B 16 -17.31 11.65 -39.76
N HIS B 17 -17.79 12.74 -39.16
CA HIS B 17 -18.27 12.80 -37.79
C HIS B 17 -19.07 14.12 -37.61
N PHE B 18 -19.61 14.35 -36.41
CA PHE B 18 -20.30 15.61 -36.14
C PHE B 18 -19.29 16.73 -35.93
N ASP B 19 -19.31 17.73 -36.82
CA ASP B 19 -18.39 18.86 -36.81
C ASP B 19 -19.09 20.23 -36.65
N GLY B 20 -20.38 20.24 -36.31
CA GLY B 20 -21.13 21.47 -36.13
C GLY B 20 -21.46 22.23 -37.41
N GLN B 21 -21.37 21.54 -38.54
CA GLN B 21 -21.66 22.14 -39.83
C GLN B 21 -23.16 22.28 -40.08
N GLN B 22 -23.53 23.21 -40.95
CA GLN B 22 -24.92 23.46 -41.29
C GLN B 22 -25.27 22.64 -42.50
N GLY B 23 -26.48 22.14 -42.54
CA GLY B 23 -26.94 21.35 -43.67
C GLY B 23 -27.72 20.13 -43.24
N GLU B 24 -28.40 19.53 -44.20
CA GLU B 24 -29.23 18.37 -43.97
C GLU B 24 -29.11 17.44 -45.15
N VAL B 25 -29.21 16.13 -44.90
CA VAL B 25 -29.30 15.09 -45.93
C VAL B 25 -30.56 14.26 -45.63
N PRO B 26 -31.27 13.76 -46.65
CA PRO B 26 -32.44 12.92 -46.36
C PRO B 26 -32.07 11.63 -45.66
N VAL B 27 -32.79 11.29 -44.61
CA VAL B 27 -32.51 10.10 -43.80
C VAL B 27 -33.73 9.20 -43.71
N SER B 28 -33.50 7.90 -43.63
CA SER B 28 -34.56 6.94 -43.41
C SER B 28 -34.11 5.98 -42.30
N ILE B 29 -35.00 5.68 -41.37
CA ILE B 29 -34.70 4.77 -40.26
C ILE B 29 -35.48 3.50 -40.39
N ILE B 30 -34.76 2.38 -40.47
CA ILE B 30 -35.35 1.05 -40.64
C ILE B 30 -34.53 0.09 -39.88
N ASN B 31 -35.09 -0.96 -39.26
N ASN B 31 -35.31 -0.58 -39.03
CA ASN B 31 -34.30 -2.06 -38.59
CA ASN B 31 -35.00 -1.49 -37.98
C ASN B 31 -32.99 -1.64 -37.79
C ASN B 31 -34.36 -0.52 -36.95
N ASN B 32 -33.12 -0.76 -36.77
CA ASN B 32 -32.14 -0.15 -35.91
C ASN B 32 -30.97 0.39 -36.75
N THR B 33 -31.23 0.80 -38.00
CA THR B 33 -30.22 1.28 -38.91
C THR B 33 -30.64 2.62 -39.51
N VAL B 34 -29.68 3.51 -39.62
CA VAL B 34 -29.88 4.80 -40.23
C VAL B 34 -29.37 4.73 -41.67
N TYR B 35 -30.19 5.14 -42.63
CA TYR B 35 -29.79 5.16 -44.02
C TYR B 35 -29.86 6.57 -44.57
N THR B 36 -29.12 6.83 -45.64
CA THR B 36 -29.20 8.07 -46.38
C THR B 36 -29.38 7.77 -47.86
N LYS B 37 -30.19 8.60 -48.56
CA LYS B 37 -30.42 8.44 -49.98
C LYS B 37 -29.27 9.04 -50.76
N VAL B 38 -28.59 8.23 -51.55
CA VAL B 38 -27.51 8.69 -52.39
C VAL B 38 -27.83 8.26 -53.79
N ASP B 39 -28.22 9.24 -54.60
CA ASP B 39 -28.61 9.04 -55.98
C ASP B 39 -29.66 7.95 -56.16
N GLY B 40 -30.75 8.13 -55.43
CA GLY B 40 -31.91 7.26 -55.51
C GLY B 40 -31.90 6.02 -54.64
N VAL B 41 -30.73 5.62 -54.09
CA VAL B 41 -30.67 4.41 -53.26
C VAL B 41 -30.19 4.65 -51.85
N ASP B 42 -30.67 3.82 -50.91
CA ASP B 42 -30.32 3.92 -49.50
C ASP B 42 -28.97 3.35 -49.22
N VAL B 43 -28.17 4.09 -48.48
CA VAL B 43 -26.83 3.69 -48.10
C VAL B 43 -26.78 3.72 -46.58
N GLU B 44 -26.36 2.62 -45.98
CA GLU B 44 -26.26 2.52 -44.52
C GLU B 44 -25.22 3.49 -43.94
N LEU B 45 -25.59 4.25 -42.91
CA LEU B 45 -24.69 5.17 -42.24
C LEU B 45 -24.27 4.67 -40.86
N PHE B 46 -25.19 4.00 -40.16
CA PHE B 46 -24.97 3.57 -38.79
C PHE B 46 -25.91 2.44 -38.44
N GLU B 47 -25.36 1.34 -37.93
CA GLU B 47 -26.20 0.25 -37.44
C GLU B 47 -26.11 0.30 -35.95
N ASN B 48 -27.25 0.48 -35.29
CA ASN B 48 -27.31 0.55 -33.85
C ASN B 48 -27.10 -0.79 -33.19
N LYS B 49 -26.01 -0.93 -32.44
CA LYS B 49 -25.69 -2.10 -31.63
C LYS B 49 -25.82 -1.79 -30.12
N THR B 50 -26.37 -0.61 -29.76
CA THR B 50 -26.57 -0.14 -28.39
C THR B 50 -28.00 -0.51 -27.89
N THR B 51 -28.32 -0.17 -26.64
CA THR B 51 -29.64 -0.32 -26.09
C THR B 51 -30.40 1.04 -26.09
N LEU B 52 -29.85 2.07 -26.75
CA LEU B 52 -30.49 3.36 -26.85
C LEU B 52 -31.32 3.36 -28.13
N PRO B 53 -32.30 4.27 -28.28
CA PRO B 53 -33.00 4.40 -29.56
C PRO B 53 -31.99 4.71 -30.68
N VAL B 54 -32.24 4.18 -31.87
CA VAL B 54 -31.37 4.27 -33.04
C VAL B 54 -30.90 5.68 -33.32
N ASN B 55 -31.78 6.66 -33.37
CA ASN B 55 -31.41 8.04 -33.69
C ASN B 55 -30.56 8.67 -32.60
N VAL B 56 -30.82 8.33 -31.33
CA VAL B 56 -30.05 8.83 -30.20
C VAL B 56 -28.63 8.24 -30.24
N ALA B 57 -28.50 6.92 -30.47
CA ALA B 57 -27.18 6.28 -30.57
C ALA B 57 -26.37 6.86 -31.72
N PHE B 58 -27.02 7.15 -32.85
CA PHE B 58 -26.40 7.69 -34.04
C PHE B 58 -25.79 9.05 -33.73
N GLU B 59 -26.56 9.91 -33.07
CA GLU B 59 -26.08 11.23 -32.69
C GLU B 59 -24.89 11.14 -31.74
N LEU B 60 -24.94 10.24 -30.75
CA LEU B 60 -23.85 10.09 -29.77
C LEU B 60 -22.59 9.57 -30.41
N TRP B 61 -22.72 8.64 -31.34
CA TRP B 61 -21.57 8.13 -32.07
C TRP B 61 -20.99 9.23 -32.97
N ALA B 62 -21.82 9.99 -33.70
CA ALA B 62 -21.33 11.11 -34.51
C ALA B 62 -20.64 12.15 -33.64
N LYS B 63 -21.10 12.35 -32.39
CA LYS B 63 -20.51 13.30 -31.45
C LYS B 63 -19.42 12.72 -30.55
N ARG B 64 -18.90 11.53 -30.87
CA ARG B 64 -17.84 10.87 -30.11
C ARG B 64 -16.57 11.72 -30.12
N ASN B 65 -15.69 11.46 -29.16
CA ASN B 65 -14.42 12.15 -29.07
C ASN B 65 -13.49 11.51 -30.09
N ILE B 66 -12.96 12.31 -31.02
CA ILE B 66 -12.03 11.81 -32.02
C ILE B 66 -10.56 12.10 -31.67
N LYS B 67 -10.27 12.44 -30.41
CA LYS B 67 -8.91 12.68 -29.94
C LYS B 67 -8.47 11.45 -29.16
N PRO B 68 -7.15 11.21 -28.94
CA PRO B 68 -6.76 10.05 -28.12
C PRO B 68 -7.32 10.25 -26.72
N VAL B 69 -8.10 9.29 -26.21
CA VAL B 69 -8.70 9.41 -24.88
C VAL B 69 -8.36 8.22 -24.01
N PRO B 70 -8.55 8.31 -22.68
CA PRO B 70 -8.28 7.14 -21.82
C PRO B 70 -9.11 5.92 -22.25
N GLU B 71 -8.54 4.72 -22.14
CA GLU B 71 -9.30 3.51 -22.45
C GLU B 71 -10.42 3.34 -21.43
N VAL B 72 -11.58 2.86 -21.86
CA VAL B 72 -12.77 2.69 -21.03
C VAL B 72 -12.47 1.95 -19.71
N LYS B 73 -11.58 0.93 -19.71
CA LYS B 73 -11.20 0.22 -18.48
C LYS B 73 -10.59 1.17 -17.45
N ILE B 74 -9.79 2.16 -17.89
CA ILE B 74 -9.20 3.14 -16.98
C ILE B 74 -10.27 4.04 -16.41
N LEU B 75 -11.16 4.57 -17.26
CA LEU B 75 -12.22 5.46 -16.80
C LEU B 75 -13.14 4.73 -15.80
N ASN B 76 -13.44 3.45 -16.06
CA ASN B 76 -14.30 2.64 -15.21
C ASN B 76 -13.60 2.41 -13.88
N ASN B 77 -12.31 2.09 -13.91
CA ASN B 77 -11.56 1.84 -12.69
C ASN B 77 -11.47 3.04 -11.78
N LEU B 78 -11.47 4.25 -12.35
CA LEU B 78 -11.46 5.50 -11.64
C LEU B 78 -12.87 5.99 -11.23
N GLY B 79 -13.90 5.25 -11.58
CA GLY B 79 -15.27 5.58 -11.23
C GLY B 79 -15.89 6.70 -12.02
N VAL B 80 -15.49 6.90 -13.29
CA VAL B 80 -16.08 7.95 -14.11
C VAL B 80 -17.54 7.60 -14.45
N ASP B 81 -18.45 8.52 -14.16
CA ASP B 81 -19.87 8.30 -14.41
C ASP B 81 -20.35 8.93 -15.72
N ILE B 82 -19.75 10.07 -16.08
CA ILE B 82 -20.16 10.87 -17.21
C ILE B 82 -18.97 11.70 -17.69
N ALA B 83 -19.01 12.21 -18.92
CA ALA B 83 -17.92 13.04 -19.45
C ALA B 83 -18.40 14.46 -19.65
N ALA B 84 -17.52 15.43 -19.49
CA ALA B 84 -17.89 16.83 -19.66
C ALA B 84 -17.81 17.24 -21.12
N ASN B 85 -18.98 17.51 -21.70
CA ASN B 85 -19.16 18.06 -23.04
C ASN B 85 -18.52 17.26 -24.17
N THR B 86 -18.53 15.93 -24.05
CA THR B 86 -18.04 14.99 -25.05
C THR B 86 -18.68 13.62 -24.83
N VAL B 87 -18.51 12.68 -25.78
CA VAL B 87 -18.98 11.33 -25.67
C VAL B 87 -17.77 10.45 -25.76
N ILE B 88 -17.56 9.57 -24.77
CA ILE B 88 -16.50 8.58 -24.86
C ILE B 88 -17.17 7.33 -25.51
N TRP B 89 -16.80 7.02 -26.76
CA TRP B 89 -17.39 5.87 -27.45
C TRP B 89 -16.64 4.62 -27.06
N ASP B 90 -17.38 3.62 -26.63
CA ASP B 90 -16.82 2.35 -26.23
C ASP B 90 -16.82 1.50 -27.45
N TYR B 91 -15.68 1.30 -28.08
CA TYR B 91 -15.61 0.53 -29.32
C TYR B 91 -15.67 -0.99 -29.10
N LYS B 92 -15.39 -1.46 -27.87
CA LYS B 92 -15.52 -2.89 -27.57
C LYS B 92 -17.03 -3.29 -27.50
N ARG B 93 -17.89 -2.36 -27.09
CA ARG B 93 -19.32 -2.59 -27.01
C ARG B 93 -20.11 -1.90 -28.12
N ASP B 94 -19.46 -1.03 -28.90
N ASP B 94 -19.46 -1.03 -28.90
CA ASP B 94 -20.06 -0.20 -29.95
CA ASP B 94 -20.09 -0.22 -29.94
C ASP B 94 -21.24 0.57 -29.36
C ASP B 94 -21.24 0.58 -29.34
N ALA B 95 -20.98 1.20 -28.21
CA ALA B 95 -22.00 1.94 -27.49
C ALA B 95 -21.35 3.02 -26.67
N PRO B 96 -22.13 4.04 -26.24
CA PRO B 96 -21.54 5.07 -25.39
C PRO B 96 -21.05 4.46 -24.08
N ALA B 97 -19.86 4.87 -23.62
CA ALA B 97 -19.29 4.39 -22.37
C ALA B 97 -20.14 4.80 -21.17
N HIS B 98 -20.84 5.95 -21.28
CA HIS B 98 -21.64 6.48 -20.21
C HIS B 98 -23.13 6.60 -20.59
N ILE B 99 -24.02 6.40 -19.61
CA ILE B 99 -25.48 6.45 -19.79
C ILE B 99 -25.98 7.80 -20.29
N SER B 100 -25.53 8.88 -19.61
CA SER B 100 -25.98 10.23 -19.86
C SER B 100 -24.86 11.10 -20.38
N THR B 101 -25.23 12.28 -20.85
CA THR B 101 -24.26 13.24 -21.36
C THR B 101 -24.44 14.64 -20.69
N ILE B 102 -23.50 15.55 -20.96
CA ILE B 102 -23.55 16.94 -20.49
C ILE B 102 -23.20 17.77 -21.70
N GLY B 103 -24.15 18.56 -22.17
CA GLY B 103 -23.95 19.44 -23.32
C GLY B 103 -23.69 18.76 -24.65
N VAL B 104 -24.22 17.53 -24.85
CA VAL B 104 -23.99 16.78 -26.09
C VAL B 104 -25.26 16.49 -26.94
N CYS B 105 -26.25 15.82 -26.36
CA CYS B 105 -27.45 15.38 -27.06
C CYS B 105 -28.64 15.69 -26.17
N SER B 106 -29.70 16.25 -26.73
CA SER B 106 -30.88 16.62 -25.97
C SER B 106 -31.60 15.44 -25.32
N MET B 107 -31.49 14.24 -25.90
CA MET B 107 -32.12 13.05 -25.33
C MET B 107 -31.37 12.45 -24.14
N THR B 108 -30.04 12.54 -24.14
CA THR B 108 -29.24 11.94 -23.10
C THR B 108 -28.71 12.93 -22.05
N ASP B 109 -28.78 14.24 -22.36
CA ASP B 109 -28.27 15.25 -21.44
C ASP B 109 -28.99 15.34 -20.11
N ILE B 110 -28.24 15.32 -19.04
CA ILE B 110 -28.78 15.58 -17.71
C ILE B 110 -28.57 17.06 -17.32
N ALA B 111 -27.66 17.76 -18.02
CA ALA B 111 -27.25 19.13 -17.85
C ALA B 111 -26.60 19.61 -19.18
N LYS B 112 -26.42 20.93 -19.32
CA LYS B 112 -25.72 21.54 -20.46
C LYS B 112 -24.26 21.81 -20.06
N LYS B 113 -24.01 22.15 -18.78
CA LYS B 113 -22.68 22.43 -18.24
C LYS B 113 -22.43 21.57 -17.02
N PRO B 114 -21.19 21.10 -16.81
CA PRO B 114 -20.93 20.26 -15.62
C PRO B 114 -21.04 20.98 -14.28
N THR B 115 -21.18 22.31 -14.30
CA THR B 115 -21.34 23.11 -13.08
C THR B 115 -22.75 23.06 -12.51
N GLU B 116 -23.72 22.38 -13.18
CA GLU B 116 -25.09 22.26 -12.68
C GLU B 116 -25.13 21.29 -11.51
N THR B 117 -25.90 21.60 -10.44
CA THR B 117 -25.92 20.78 -9.22
C THR B 117 -26.26 19.30 -9.46
N ILE B 118 -26.88 18.94 -10.60
CA ILE B 118 -27.16 17.53 -10.92
C ILE B 118 -25.84 16.73 -11.07
N CYS B 119 -24.78 17.38 -11.56
CA CYS B 119 -23.48 16.77 -11.79
C CYS B 119 -22.63 16.63 -10.53
N ALA B 120 -22.84 17.47 -9.51
CA ALA B 120 -22.05 17.45 -8.27
C ALA B 120 -21.82 16.07 -7.69
N PRO B 121 -22.84 15.19 -7.52
CA PRO B 121 -22.55 13.85 -6.99
C PRO B 121 -21.92 12.83 -7.96
N LEU B 122 -21.83 13.17 -9.25
CA LEU B 122 -21.28 12.26 -10.26
C LEU B 122 -19.82 12.56 -10.52
N THR B 123 -19.03 11.53 -10.80
CA THR B 123 -17.63 11.74 -11.15
C THR B 123 -17.57 12.12 -12.63
N VAL B 124 -17.36 13.40 -12.91
CA VAL B 124 -17.32 13.92 -14.25
C VAL B 124 -15.90 13.78 -14.80
N PHE B 125 -15.76 13.35 -16.05
CA PHE B 125 -14.46 13.26 -16.71
C PHE B 125 -14.19 14.62 -17.33
N PHE B 126 -13.02 15.20 -17.05
CA PHE B 126 -12.57 16.49 -17.57
C PHE B 126 -11.30 16.26 -18.36
N ASP B 127 -11.18 17.00 -19.45
CA ASP B 127 -10.08 16.91 -20.40
C ASP B 127 -9.35 18.26 -20.41
N GLY B 128 -8.17 18.28 -19.80
CA GLY B 128 -7.31 19.45 -19.73
C GLY B 128 -6.99 20.04 -21.08
N ARG B 129 -7.04 19.23 -22.15
CA ARG B 129 -6.79 19.70 -23.52
C ARG B 129 -7.90 20.62 -24.06
N VAL B 130 -9.06 20.62 -23.40
CA VAL B 130 -10.19 21.50 -23.76
C VAL B 130 -10.08 22.71 -22.82
N ASP B 131 -10.19 23.91 -23.40
CA ASP B 131 -10.12 25.15 -22.64
C ASP B 131 -11.17 25.19 -21.54
N GLY B 132 -10.74 25.59 -20.34
CA GLY B 132 -11.62 25.73 -19.19
C GLY B 132 -11.93 24.49 -18.38
N GLN B 133 -11.53 23.29 -18.87
CA GLN B 133 -11.88 22.05 -18.17
C GLN B 133 -11.01 21.77 -16.94
N VAL B 134 -9.77 22.28 -16.89
CA VAL B 134 -8.96 22.16 -15.66
C VAL B 134 -9.63 22.99 -14.55
N ASP B 135 -10.15 24.19 -14.89
CA ASP B 135 -10.87 25.04 -13.93
C ASP B 135 -12.18 24.41 -13.51
N LEU B 136 -12.88 23.76 -14.45
CA LEU B 136 -14.13 23.05 -14.14
C LEU B 136 -13.87 21.91 -13.16
N PHE B 137 -12.74 21.21 -13.33
CA PHE B 137 -12.33 20.14 -12.44
C PHE B 137 -12.06 20.72 -11.03
N ARG B 138 -11.39 21.88 -10.95
CA ARG B 138 -11.08 22.54 -9.68
C ARG B 138 -12.33 22.89 -8.90
N ASN B 139 -13.41 23.25 -9.59
CA ASN B 139 -14.65 23.61 -8.91
C ASN B 139 -15.63 22.45 -8.75
N ALA B 140 -15.41 21.32 -9.47
CA ALA B 140 -16.25 20.13 -9.37
C ALA B 140 -15.95 19.40 -8.07
N ARG B 141 -17.01 18.90 -7.45
CA ARG B 141 -16.94 18.15 -6.23
C ARG B 141 -16.34 16.76 -6.52
N ASN B 142 -16.78 16.12 -7.62
CA ASN B 142 -16.30 14.80 -8.01
C ASN B 142 -15.88 14.83 -9.47
N GLY B 143 -14.71 14.30 -9.75
CA GLY B 143 -14.18 14.34 -11.11
C GLY B 143 -12.87 13.64 -11.30
N VAL B 144 -12.56 13.41 -12.56
CA VAL B 144 -11.33 12.80 -13.01
C VAL B 144 -10.81 13.70 -14.11
N LEU B 145 -9.56 14.11 -14.03
CA LEU B 145 -8.98 15.03 -15.00
C LEU B 145 -7.77 14.42 -15.66
N ILE B 146 -7.63 14.63 -16.95
CA ILE B 146 -6.43 14.25 -17.68
C ILE B 146 -5.80 15.50 -18.26
N THR B 147 -4.47 15.56 -18.27
CA THR B 147 -3.77 16.70 -18.88
C THR B 147 -2.52 16.20 -19.62
N GLU B 148 -1.97 17.03 -20.50
CA GLU B 148 -0.74 16.70 -21.18
C GLU B 148 0.51 17.14 -20.39
N GLY B 149 0.38 18.13 -19.50
CA GLY B 149 1.47 18.62 -18.69
C GLY B 149 1.07 18.95 -17.27
N SER B 150 1.84 19.81 -16.59
CA SER B 150 1.59 20.15 -15.19
C SER B 150 0.38 21.08 -14.93
N VAL B 151 -0.29 20.87 -13.80
CA VAL B 151 -1.40 21.69 -13.32
C VAL B 151 -0.89 22.27 -12.02
N LYS B 152 -0.75 23.61 -11.92
CA LYS B 152 -0.21 24.24 -10.73
C LYS B 152 -0.82 23.79 -9.41
N GLY B 153 0.03 23.28 -8.53
CA GLY B 153 -0.38 22.81 -7.21
C GLY B 153 -0.83 21.37 -7.16
N LEU B 154 -1.41 20.86 -8.26
CA LEU B 154 -1.92 19.50 -8.30
C LEU B 154 -0.83 18.46 -8.56
N GLN B 155 -0.67 17.52 -7.63
CA GLN B 155 0.30 16.45 -7.78
C GLN B 155 -0.25 15.43 -8.77
N PRO B 156 0.52 15.14 -9.84
CA PRO B 156 0.00 14.25 -10.88
C PRO B 156 0.22 12.77 -10.63
N SER B 157 -0.53 11.97 -11.38
CA SER B 157 -0.40 10.53 -11.40
C SER B 157 -0.18 10.22 -12.87
N VAL B 158 0.98 9.67 -13.23
CA VAL B 158 1.29 9.37 -14.62
C VAL B 158 0.46 8.17 -15.02
N GLY B 159 -0.36 8.33 -16.06
CA GLY B 159 -1.19 7.25 -16.55
C GLY B 159 -0.42 6.32 -17.46
N PRO B 160 -1.14 5.39 -18.12
CA PRO B 160 -0.44 4.50 -19.05
C PRO B 160 0.06 5.24 -20.30
N LYS B 161 1.01 4.63 -21.02
CA LYS B 161 1.55 5.22 -22.23
C LYS B 161 0.51 5.29 -23.34
N GLN B 162 -0.40 4.32 -23.37
CA GLN B 162 -1.38 4.20 -24.43
C GLN B 162 -2.72 4.87 -24.15
N ALA B 163 -3.38 5.24 -25.21
CA ALA B 163 -4.71 5.82 -25.20
C ALA B 163 -5.45 5.27 -26.44
N SER B 164 -6.77 5.43 -26.47
CA SER B 164 -7.62 4.98 -27.56
C SER B 164 -7.88 6.14 -28.53
N LEU B 165 -7.51 5.98 -29.81
CA LEU B 165 -7.80 6.97 -30.83
C LEU B 165 -8.73 6.31 -31.85
N ASN B 166 -10.03 6.67 -31.83
CA ASN B 166 -11.06 6.11 -32.69
C ASN B 166 -11.09 4.60 -32.61
N GLY B 167 -11.02 4.08 -31.39
CA GLY B 167 -11.05 2.66 -31.16
C GLY B 167 -9.73 1.94 -31.35
N VAL B 168 -8.67 2.68 -31.66
CA VAL B 168 -7.35 2.10 -31.86
C VAL B 168 -6.49 2.43 -30.68
N THR B 169 -6.13 1.42 -29.90
CA THR B 169 -5.26 1.63 -28.77
C THR B 169 -3.84 1.70 -29.30
N LEU B 170 -3.11 2.74 -28.88
CA LEU B 170 -1.76 2.97 -29.36
C LEU B 170 -0.96 3.89 -28.45
N ILE B 171 0.36 3.80 -28.56
CA ILE B 171 1.27 4.70 -27.88
C ILE B 171 1.64 5.71 -28.96
N GLY B 172 1.13 6.92 -28.79
CA GLY B 172 1.23 8.00 -29.77
C GLY B 172 2.60 8.52 -30.10
N GLU B 173 2.83 8.75 -31.39
CA GLU B 173 4.06 9.32 -31.89
C GLU B 173 3.76 10.70 -32.47
N ALA B 174 2.69 10.82 -33.26
CA ALA B 174 2.24 12.09 -33.82
C ALA B 174 1.29 12.85 -32.87
N VAL B 175 0.80 12.19 -31.80
CA VAL B 175 -0.11 12.73 -30.79
C VAL B 175 0.32 12.26 -29.42
N LYS B 176 -0.02 13.02 -28.38
CA LYS B 176 0.32 12.61 -27.03
C LYS B 176 -0.73 11.63 -26.54
N THR B 177 -0.31 10.46 -26.05
CA THR B 177 -1.25 9.48 -25.48
C THR B 177 -1.07 9.26 -23.98
N GLN B 178 0.08 9.71 -23.39
CA GLN B 178 0.33 9.62 -21.94
C GLN B 178 -0.19 10.86 -21.23
N PHE B 179 -1.15 10.68 -20.33
CA PHE B 179 -1.75 11.79 -19.64
C PHE B 179 -1.45 11.74 -18.16
N ASN B 180 -1.52 12.92 -17.53
CA ASN B 180 -1.45 13.02 -16.09
C ASN B 180 -2.89 12.84 -15.64
N TYR B 181 -3.10 12.13 -14.55
CA TYR B 181 -4.43 11.86 -14.03
C TYR B 181 -4.60 12.49 -12.68
N TYR B 182 -5.78 13.03 -12.44
CA TYR B 182 -6.14 13.64 -11.17
C TYR B 182 -7.57 13.21 -10.83
N LYS B 183 -7.89 13.10 -9.55
CA LYS B 183 -9.22 12.68 -9.13
C LYS B 183 -9.63 13.42 -7.88
N LYS B 184 -10.92 13.77 -7.77
CA LYS B 184 -11.49 14.43 -6.61
C LYS B 184 -12.71 13.68 -6.11
N VAL B 185 -12.77 13.43 -4.81
CA VAL B 185 -13.91 12.79 -4.18
C VAL B 185 -14.39 13.77 -3.11
N ASP B 186 -15.59 14.33 -3.29
CA ASP B 186 -16.20 15.29 -2.37
C ASP B 186 -15.38 16.56 -2.14
N GLY B 187 -14.76 17.07 -3.21
CA GLY B 187 -13.99 18.30 -3.19
C GLY B 187 -12.52 18.12 -2.82
N VAL B 188 -12.15 16.92 -2.36
CA VAL B 188 -10.79 16.66 -1.95
C VAL B 188 -10.02 15.97 -3.07
N VAL B 189 -8.87 16.54 -3.47
CA VAL B 189 -7.98 15.95 -4.45
C VAL B 189 -7.41 14.69 -3.86
N GLN B 190 -7.66 13.55 -4.48
CA GLN B 190 -7.21 12.27 -3.99
C GLN B 190 -5.77 11.98 -4.35
N GLN B 191 -5.13 11.11 -3.56
CA GLN B 191 -3.80 10.63 -3.85
C GLN B 191 -4.05 9.33 -4.62
N LEU B 192 -3.84 9.34 -5.95
CA LEU B 192 -4.06 8.12 -6.72
C LEU B 192 -3.00 7.11 -6.34
N PRO B 193 -3.42 5.84 -6.18
CA PRO B 193 -2.45 4.84 -5.72
C PRO B 193 -1.34 4.57 -6.73
N GLU B 194 -0.28 3.92 -6.24
CA GLU B 194 0.80 3.39 -7.06
C GLU B 194 0.15 2.25 -7.86
N THR B 195 0.40 2.19 -9.18
CA THR B 195 -0.26 1.20 -9.98
C THR B 195 0.55 0.65 -11.10
N TYR B 196 0.29 -0.60 -11.42
CA TYR B 196 0.83 -1.20 -12.63
C TYR B 196 -0.20 -0.84 -13.72
N PHE B 197 0.16 -1.05 -14.97
CA PHE B 197 -0.76 -0.83 -16.07
C PHE B 197 -0.78 -2.03 -16.96
N THR B 198 -1.98 -2.38 -17.45
CA THR B 198 -2.09 -3.42 -18.45
C THR B 198 -1.60 -2.79 -19.79
N GLN B 199 -1.06 -3.63 -20.67
CA GLN B 199 -0.44 -3.20 -21.92
C GLN B 199 -1.38 -3.07 -23.10
N SER B 200 -2.63 -3.56 -22.98
CA SER B 200 -3.68 -3.45 -24.01
C SER B 200 -3.29 -4.00 -25.41
N ARG B 201 -2.53 -5.09 -25.46
CA ARG B 201 -2.11 -5.68 -26.72
C ARG B 201 -3.10 -6.68 -27.26
N ASN B 202 -3.05 -6.91 -28.59
CA ASN B 202 -3.92 -7.90 -29.23
C ASN B 202 -3.16 -9.20 -29.31
N LEU B 203 -3.88 -10.29 -29.36
CA LEU B 203 -3.29 -11.61 -29.50
C LEU B 203 -2.67 -11.78 -30.90
N GLN B 204 -3.37 -11.31 -31.94
CA GLN B 204 -2.93 -11.44 -33.32
C GLN B 204 -1.72 -10.57 -33.70
N GLU B 205 -1.64 -9.34 -33.17
CA GLU B 205 -0.54 -8.45 -33.50
C GLU B 205 0.29 -8.08 -32.26
N PHE B 206 0.58 -9.07 -31.42
CA PHE B 206 1.35 -8.86 -30.21
C PHE B 206 2.79 -8.46 -30.46
N LYS B 207 3.28 -7.43 -29.78
CA LYS B 207 4.67 -7.00 -29.90
C LYS B 207 5.35 -6.91 -28.53
N PRO B 208 6.50 -7.56 -28.35
CA PRO B 208 7.21 -7.47 -27.07
C PRO B 208 7.66 -6.06 -26.75
N ARG B 209 7.56 -5.65 -25.48
CA ARG B 209 7.93 -4.30 -25.06
C ARG B 209 9.10 -4.26 -24.08
N SER B 210 9.92 -5.33 -24.04
CA SER B 210 11.10 -5.41 -23.18
C SER B 210 12.01 -6.54 -23.66
N GLN B 211 13.26 -6.60 -23.15
CA GLN B 211 14.18 -7.67 -23.51
C GLN B 211 13.67 -9.01 -22.95
N MET B 212 13.07 -8.98 -21.74
CA MET B 212 12.49 -10.19 -21.15
C MET B 212 11.40 -10.76 -22.05
N GLU B 213 10.55 -9.89 -22.59
CA GLU B 213 9.46 -10.29 -23.48
C GLU B 213 9.97 -10.77 -24.83
N ILE B 214 11.07 -10.18 -25.32
CA ILE B 214 11.71 -10.57 -26.58
C ILE B 214 12.30 -12.00 -26.41
N ASP B 215 12.89 -12.28 -25.23
CA ASP B 215 13.46 -13.56 -24.87
C ASP B 215 12.37 -14.59 -24.66
N PHE B 216 11.24 -14.22 -24.04
CA PHE B 216 10.13 -15.16 -23.82
C PHE B 216 9.58 -15.71 -25.14
N LEU B 217 9.43 -14.83 -26.13
CA LEU B 217 8.89 -15.20 -27.43
C LEU B 217 9.92 -15.94 -28.32
N GLU B 218 11.21 -15.64 -28.16
CA GLU B 218 12.25 -16.27 -28.97
C GLU B 218 12.74 -17.59 -28.36
N LEU B 219 13.10 -17.57 -27.07
CA LEU B 219 13.63 -18.75 -26.39
C LEU B 219 12.57 -19.82 -26.08
N ALA B 220 13.04 -21.05 -25.90
CA ALA B 220 12.18 -22.17 -25.49
C ALA B 220 11.87 -22.04 -23.99
N MET B 221 10.82 -22.70 -23.52
CA MET B 221 10.37 -22.63 -22.14
C MET B 221 11.48 -22.84 -21.07
N ASP B 222 12.17 -23.98 -21.10
CA ASP B 222 13.17 -24.33 -20.09
C ASP B 222 14.42 -23.43 -20.08
N GLU B 223 14.76 -22.78 -21.21
CA GLU B 223 15.92 -21.91 -21.24
C GLU B 223 15.57 -20.48 -20.83
N PHE B 224 14.33 -20.02 -21.11
CA PHE B 224 13.92 -18.69 -20.66
C PHE B 224 13.86 -18.65 -19.13
N ILE B 225 13.20 -19.65 -18.53
CA ILE B 225 13.07 -19.83 -17.08
C ILE B 225 14.45 -19.91 -16.40
N GLU B 226 15.43 -20.50 -17.12
CA GLU B 226 16.80 -20.60 -16.64
C GLU B 226 17.44 -19.22 -16.59
N ARG B 227 17.38 -18.48 -17.72
CA ARG B 227 17.96 -17.13 -17.84
C ARG B 227 17.40 -16.12 -16.84
N TYR B 228 16.10 -16.19 -16.56
CA TYR B 228 15.48 -15.21 -15.67
C TYR B 228 15.25 -15.69 -14.24
N LYS B 229 15.88 -16.82 -13.85
CA LYS B 229 15.79 -17.40 -12.50
C LYS B 229 14.34 -17.60 -12.05
N LEU B 230 13.52 -18.14 -12.95
CA LEU B 230 12.10 -18.36 -12.66
C LEU B 230 11.76 -19.78 -12.21
N GLU B 231 12.77 -20.58 -11.83
CA GLU B 231 12.57 -21.94 -11.35
C GLU B 231 11.77 -21.92 -10.03
N GLY B 232 10.69 -22.70 -10.00
CA GLY B 232 9.81 -22.78 -8.83
C GLY B 232 8.65 -21.78 -8.83
N TYR B 233 8.54 -20.96 -9.89
CA TYR B 233 7.45 -19.97 -9.98
C TYR B 233 6.27 -20.38 -10.85
N ALA B 234 6.26 -21.64 -11.34
CA ALA B 234 5.20 -22.25 -12.15
C ALA B 234 4.86 -21.48 -13.44
N PHE B 235 5.86 -20.88 -14.10
CA PHE B 235 5.62 -20.19 -15.37
C PHE B 235 5.17 -21.18 -16.47
N GLU B 236 5.58 -22.45 -16.35
CA GLU B 236 5.21 -23.55 -17.23
C GLU B 236 3.68 -23.68 -17.28
N HIS B 237 3.04 -23.60 -16.11
CA HIS B 237 1.59 -23.69 -15.96
C HIS B 237 0.92 -22.31 -16.20
N ILE B 238 1.30 -21.28 -15.42
CA ILE B 238 0.73 -19.93 -15.45
C ILE B 238 0.86 -19.19 -16.78
N VAL B 239 2.08 -19.07 -17.32
CA VAL B 239 2.31 -18.27 -18.51
C VAL B 239 2.29 -19.10 -19.79
N TYR B 240 3.06 -20.17 -19.84
CA TYR B 240 3.16 -21.01 -21.02
C TYR B 240 1.90 -21.80 -21.30
N GLY B 241 1.25 -22.26 -20.23
CA GLY B 241 0.04 -23.05 -20.38
C GLY B 241 0.32 -24.52 -20.51
N ASP B 242 -0.59 -25.34 -19.98
CA ASP B 242 -0.47 -26.79 -20.02
C ASP B 242 -1.60 -27.30 -20.88
N PHE B 243 -1.28 -27.90 -22.03
CA PHE B 243 -2.31 -28.39 -22.95
C PHE B 243 -2.39 -29.92 -22.97
N SER B 244 -1.94 -30.59 -21.90
CA SER B 244 -1.89 -32.04 -21.83
C SER B 244 -3.15 -32.72 -21.30
N HIS B 245 -3.91 -32.04 -20.42
CA HIS B 245 -5.13 -32.62 -19.87
C HIS B 245 -6.37 -31.98 -20.51
N SER B 246 -7.58 -32.59 -20.30
CA SER B 246 -8.83 -32.04 -20.86
C SER B 246 -9.04 -30.59 -20.42
N GLN B 247 -8.73 -30.29 -19.15
CA GLN B 247 -8.77 -28.93 -18.67
C GLN B 247 -7.40 -28.28 -18.90
N LEU B 248 -7.39 -27.19 -19.71
CA LEU B 248 -6.21 -26.38 -20.03
C LEU B 248 -5.68 -25.81 -18.74
N GLY B 249 -4.37 -25.93 -18.53
CA GLY B 249 -3.72 -25.47 -17.32
C GLY B 249 -3.15 -24.08 -17.44
N GLY B 250 -3.51 -23.23 -16.49
CA GLY B 250 -3.04 -21.85 -16.42
C GLY B 250 -3.40 -20.99 -17.61
N LEU B 251 -2.36 -20.43 -18.28
CA LEU B 251 -2.48 -19.59 -19.46
C LEU B 251 -3.23 -18.30 -19.11
N HIS B 252 -2.68 -17.53 -18.16
CA HIS B 252 -3.33 -16.33 -17.68
C HIS B 252 -2.67 -15.03 -18.09
N LEU B 253 -1.55 -15.10 -18.81
CA LEU B 253 -0.86 -13.91 -19.24
C LEU B 253 -0.94 -13.81 -20.73
N LEU B 254 -1.39 -12.67 -21.27
CA LEU B 254 -1.56 -12.51 -22.70
C LEU B 254 -0.33 -12.91 -23.55
N ILE B 255 0.89 -12.61 -23.07
CA ILE B 255 2.10 -12.99 -23.81
C ILE B 255 2.17 -14.52 -24.05
N GLY B 256 1.68 -15.32 -23.11
CA GLY B 256 1.66 -16.77 -23.27
C GLY B 256 0.69 -17.20 -24.34
N LEU B 257 -0.47 -16.55 -24.40
CA LEU B 257 -1.44 -16.82 -25.44
C LEU B 257 -0.87 -16.42 -26.81
N ALA B 258 -0.13 -15.30 -26.87
CA ALA B 258 0.50 -14.79 -28.06
C ALA B 258 1.54 -15.78 -28.60
N LYS B 259 2.36 -16.37 -27.69
CA LYS B 259 3.40 -17.33 -28.05
C LYS B 259 2.77 -18.59 -28.65
N ARG B 260 1.76 -19.14 -27.95
CA ARG B 260 1.01 -20.32 -28.36
C ARG B 260 0.37 -20.09 -29.72
N PHE B 261 -0.16 -18.89 -29.95
CA PHE B 261 -0.83 -18.52 -31.18
C PHE B 261 0.02 -18.65 -32.45
N LYS B 262 1.35 -18.46 -32.34
CA LYS B 262 2.25 -18.59 -33.49
C LYS B 262 2.38 -20.05 -33.94
N GLU B 263 2.32 -21.00 -32.98
CA GLU B 263 2.43 -22.42 -33.31
C GLU B 263 1.08 -22.97 -33.78
N SER B 264 0.03 -22.83 -32.95
CA SER B 264 -1.27 -23.36 -33.27
C SER B 264 -2.39 -22.43 -32.84
N PRO B 265 -3.51 -22.43 -33.59
CA PRO B 265 -4.60 -21.52 -33.25
C PRO B 265 -5.48 -22.05 -32.11
N PHE B 266 -6.31 -21.18 -31.56
CA PHE B 266 -7.24 -21.54 -30.50
C PHE B 266 -8.43 -20.60 -30.50
N GLU B 267 -9.54 -21.04 -29.93
CA GLU B 267 -10.74 -20.25 -29.86
C GLU B 267 -10.80 -19.56 -28.52
N LEU B 268 -11.11 -18.26 -28.51
CA LEU B 268 -11.26 -17.49 -27.28
C LEU B 268 -12.66 -16.92 -27.33
N GLU B 269 -13.56 -17.41 -26.50
CA GLU B 269 -14.92 -16.90 -26.43
C GLU B 269 -14.95 -15.79 -25.39
N ASP B 270 -15.15 -14.56 -25.82
CA ASP B 270 -15.25 -13.37 -24.99
C ASP B 270 -16.72 -13.27 -24.54
N PHE B 271 -17.12 -14.02 -23.51
CA PHE B 271 -18.54 -14.07 -23.09
C PHE B 271 -19.04 -12.80 -22.37
N ILE B 272 -18.15 -11.91 -21.89
CA ILE B 272 -18.56 -10.63 -21.35
C ILE B 272 -17.77 -9.62 -22.17
N PRO B 273 -18.20 -9.33 -23.42
CA PRO B 273 -17.42 -8.46 -24.28
C PRO B 273 -17.43 -6.97 -23.90
N MET B 274 -16.48 -6.59 -23.08
CA MET B 274 -16.31 -5.24 -22.62
C MET B 274 -14.86 -4.99 -22.28
N ASP B 275 -14.45 -3.74 -22.25
CA ASP B 275 -13.08 -3.39 -21.87
C ASP B 275 -12.94 -3.62 -20.36
N SER B 276 -11.99 -4.45 -19.96
CA SER B 276 -11.69 -4.64 -18.54
C SER B 276 -10.23 -5.03 -18.33
N THR B 277 -9.64 -4.61 -17.20
CA THR B 277 -8.28 -4.91 -16.79
C THR B 277 -8.00 -6.43 -16.82
N VAL B 278 -8.94 -7.21 -16.28
CA VAL B 278 -8.87 -8.67 -16.39
C VAL B 278 -9.96 -9.14 -17.34
N LYS B 279 -9.60 -9.96 -18.30
CA LYS B 279 -10.55 -10.51 -19.27
C LYS B 279 -10.84 -11.98 -18.98
N ASN B 280 -12.04 -12.48 -19.28
CA ASN B 280 -12.37 -13.89 -19.06
C ASN B 280 -12.74 -14.49 -20.38
N TYR B 281 -12.15 -15.65 -20.70
CA TYR B 281 -12.43 -16.32 -21.97
C TYR B 281 -12.68 -17.79 -21.77
N PHE B 282 -13.55 -18.35 -22.61
CA PHE B 282 -13.78 -19.79 -22.65
C PHE B 282 -12.84 -20.18 -23.78
N ILE B 283 -11.73 -20.83 -23.45
CA ILE B 283 -10.73 -21.17 -24.44
C ILE B 283 -10.78 -22.64 -24.84
N THR B 284 -10.62 -22.92 -26.13
CA THR B 284 -10.59 -24.28 -26.68
C THR B 284 -9.35 -24.29 -27.54
N ASP B 285 -8.34 -25.09 -27.18
CA ASP B 285 -7.11 -25.20 -27.95
C ASP B 285 -7.38 -26.14 -29.15
N ALA B 286 -7.18 -25.65 -30.38
CA ALA B 286 -7.50 -26.46 -31.58
C ALA B 286 -6.59 -27.67 -31.80
N GLN B 287 -5.31 -27.55 -31.46
CA GLN B 287 -4.36 -28.63 -31.66
C GLN B 287 -4.57 -29.84 -30.72
N THR B 288 -4.71 -29.59 -29.43
CA THR B 288 -4.84 -30.66 -28.45
C THR B 288 -6.28 -30.98 -28.05
N GLY B 289 -7.16 -30.00 -28.10
CA GLY B 289 -8.52 -30.17 -27.58
C GLY B 289 -8.58 -29.86 -26.08
N SER B 290 -7.51 -29.27 -25.52
CA SER B 290 -7.50 -28.82 -24.13
C SER B 290 -8.44 -27.62 -24.05
N SER B 291 -9.25 -27.51 -22.99
CA SER B 291 -10.19 -26.38 -22.88
C SER B 291 -10.44 -25.93 -21.43
N LYS B 292 -10.94 -24.71 -21.27
CA LYS B 292 -11.26 -24.18 -19.95
C LYS B 292 -12.35 -23.12 -20.12
N CYS B 293 -13.44 -23.25 -19.36
CA CYS B 293 -14.60 -22.37 -19.34
C CYS B 293 -14.28 -20.95 -18.98
N VAL B 294 -13.49 -20.73 -17.92
CA VAL B 294 -13.16 -19.40 -17.48
C VAL B 294 -11.66 -19.29 -17.30
N CYS B 295 -10.99 -18.82 -18.34
CA CYS B 295 -9.57 -18.60 -18.27
C CYS B 295 -9.36 -17.09 -18.18
N SER B 296 -9.05 -16.60 -16.97
CA SER B 296 -8.83 -15.18 -16.77
C SER B 296 -7.49 -14.80 -17.41
N VAL B 297 -7.49 -13.74 -18.21
CA VAL B 297 -6.31 -13.30 -18.95
C VAL B 297 -6.03 -11.85 -18.63
N ILE B 298 -4.79 -11.56 -18.30
CA ILE B 298 -4.37 -10.20 -18.02
C ILE B 298 -3.16 -9.89 -18.91
N ASP B 299 -3.10 -8.67 -19.45
CA ASP B 299 -1.97 -8.28 -20.25
C ASP B 299 -1.04 -7.38 -19.44
N LEU B 300 -0.17 -7.97 -18.65
CA LEU B 300 0.83 -7.22 -17.92
C LEU B 300 2.12 -7.35 -18.71
N LEU B 301 3.03 -6.37 -18.61
CA LEU B 301 4.39 -6.48 -19.17
C LEU B 301 5.05 -7.63 -18.39
N LEU B 302 5.65 -8.61 -19.05
CA LEU B 302 6.21 -9.78 -18.37
C LEU B 302 7.10 -9.44 -17.17
N ASP B 303 7.84 -8.33 -17.26
CA ASP B 303 8.72 -7.86 -16.20
C ASP B 303 7.89 -7.47 -14.97
N ASP B 304 6.73 -6.82 -15.19
CA ASP B 304 5.83 -6.44 -14.12
C ASP B 304 5.21 -7.67 -13.47
N PHE B 305 4.81 -8.67 -14.27
CA PHE B 305 4.23 -9.89 -13.72
C PHE B 305 5.26 -10.68 -12.90
N VAL B 306 6.51 -10.73 -13.40
CA VAL B 306 7.63 -11.38 -12.73
C VAL B 306 7.90 -10.68 -11.41
N GLU B 307 7.88 -9.33 -11.41
CA GLU B 307 8.09 -8.53 -10.20
C GLU B 307 7.00 -8.80 -9.16
N ILE B 308 5.74 -8.88 -9.61
CA ILE B 308 4.59 -9.15 -8.75
C ILE B 308 4.73 -10.52 -8.12
N ILE B 309 4.96 -11.58 -8.92
CA ILE B 309 5.02 -12.95 -8.41
C ILE B 309 6.26 -13.18 -7.53
N LYS B 310 7.39 -12.54 -7.86
CA LYS B 310 8.60 -12.66 -7.05
C LYS B 310 8.55 -11.89 -5.74
N SER B 311 7.55 -11.01 -5.55
CA SER B 311 7.42 -10.25 -4.31
C SER B 311 6.34 -10.82 -3.37
N GLN B 312 6.05 -12.11 -3.50
CA GLN B 312 5.04 -12.76 -2.67
C GLN B 312 5.63 -13.79 -1.73
N ASP B 313 5.04 -13.90 -0.54
CA ASP B 313 5.45 -14.91 0.42
C ASP B 313 4.82 -16.23 -0.09
N LEU B 314 5.64 -17.26 -0.30
CA LEU B 314 5.17 -18.53 -0.84
C LEU B 314 4.98 -19.63 0.19
N SER B 315 4.88 -19.28 1.49
CA SER B 315 4.75 -20.28 2.54
C SER B 315 3.32 -20.68 2.92
N VAL B 316 2.30 -20.38 2.08
CA VAL B 316 0.92 -20.74 2.42
C VAL B 316 0.23 -21.47 1.26
N VAL B 317 -0.67 -22.43 1.57
CA VAL B 317 -1.38 -23.18 0.54
C VAL B 317 -2.15 -22.26 -0.41
N SER B 318 -3.07 -21.43 0.11
CA SER B 318 -3.84 -20.53 -0.74
C SER B 318 -4.15 -19.19 -0.09
N LYS B 319 -3.98 -18.10 -0.84
CA LYS B 319 -4.28 -16.78 -0.33
C LYS B 319 -4.59 -15.76 -1.45
N VAL B 320 -5.19 -14.62 -1.08
CA VAL B 320 -5.52 -13.58 -2.02
C VAL B 320 -4.38 -12.58 -2.00
N VAL B 321 -3.84 -12.27 -3.19
CA VAL B 321 -2.77 -11.32 -3.41
C VAL B 321 -3.44 -10.16 -4.13
N LYS B 322 -3.49 -8.99 -3.51
CA LYS B 322 -4.13 -7.83 -4.09
C LYS B 322 -3.12 -6.98 -4.82
N VAL B 323 -3.36 -6.65 -6.10
CA VAL B 323 -2.44 -5.81 -6.89
C VAL B 323 -3.19 -4.63 -7.47
N THR B 324 -2.63 -3.41 -7.37
CA THR B 324 -3.26 -2.25 -7.99
C THR B 324 -2.82 -2.25 -9.45
N ILE B 325 -3.76 -2.52 -10.38
CA ILE B 325 -3.51 -2.54 -11.82
C ILE B 325 -4.56 -1.64 -12.45
N ASP B 326 -4.13 -0.67 -13.28
CA ASP B 326 -5.01 0.27 -13.96
C ASP B 326 -5.86 1.05 -12.97
N TYR B 327 -5.25 1.38 -11.79
CA TYR B 327 -5.84 2.13 -10.68
C TYR B 327 -6.80 1.34 -9.81
N THR B 328 -7.20 0.13 -10.23
CA THR B 328 -8.14 -0.69 -9.51
C THR B 328 -7.43 -1.80 -8.74
N GLU B 329 -8.10 -2.37 -7.73
CA GLU B 329 -7.53 -3.46 -6.97
C GLU B 329 -7.98 -4.77 -7.60
N ILE B 330 -6.99 -5.55 -8.09
CA ILE B 330 -7.19 -6.85 -8.68
C ILE B 330 -6.73 -7.94 -7.70
N SER B 331 -7.67 -8.82 -7.32
CA SER B 331 -7.34 -9.92 -6.44
C SER B 331 -6.86 -11.08 -7.28
N PHE B 332 -5.75 -11.66 -6.89
CA PHE B 332 -5.16 -12.82 -7.53
C PHE B 332 -5.22 -13.94 -6.52
N MET B 333 -5.27 -15.15 -7.01
CA MET B 333 -5.28 -16.30 -6.13
C MET B 333 -3.91 -16.94 -6.22
N LEU B 334 -3.19 -17.00 -5.11
CA LEU B 334 -1.85 -17.59 -5.10
C LEU B 334 -1.88 -18.97 -4.44
N TRP B 335 -1.52 -20.01 -5.19
CA TRP B 335 -1.50 -21.37 -4.68
C TRP B 335 -0.07 -21.87 -4.59
N CYS B 336 0.35 -22.29 -3.40
CA CYS B 336 1.72 -22.77 -3.20
C CYS B 336 1.77 -24.20 -2.60
N LYS B 337 2.96 -24.79 -2.62
CA LYS B 337 3.25 -26.12 -2.09
C LYS B 337 4.77 -26.21 -1.92
N ASP B 338 5.24 -26.58 -0.72
CA ASP B 338 6.66 -26.73 -0.41
C ASP B 338 7.52 -25.52 -0.79
N GLY B 339 7.00 -24.31 -0.57
CA GLY B 339 7.72 -23.08 -0.88
C GLY B 339 7.82 -22.73 -2.35
N HIS B 340 7.09 -23.46 -3.20
CA HIS B 340 7.08 -23.19 -4.62
C HIS B 340 5.67 -22.88 -5.10
N VAL B 341 5.55 -22.08 -6.15
CA VAL B 341 4.25 -21.72 -6.70
C VAL B 341 3.66 -22.90 -7.48
N GLU B 342 2.36 -23.10 -7.34
CA GLU B 342 1.62 -24.10 -8.09
C GLU B 342 0.86 -23.35 -9.20
N THR B 343 0.14 -22.28 -8.82
CA THR B 343 -0.58 -21.40 -9.76
C THR B 343 -0.76 -19.99 -9.17
N PHE B 344 -0.97 -19.00 -10.03
CA PHE B 344 -1.16 -17.61 -9.64
C PHE B 344 -2.02 -17.02 -10.75
N TYR B 345 -3.30 -16.76 -10.45
CA TYR B 345 -4.21 -16.27 -11.49
C TYR B 345 -5.08 -15.12 -11.02
N PRO B 346 -5.42 -14.17 -11.93
CA PRO B 346 -6.38 -13.10 -11.58
C PRO B 346 -7.71 -13.71 -11.16
N LYS B 347 -8.01 -13.66 -9.85
CA LYS B 347 -9.18 -14.27 -9.16
C LYS B 347 -10.54 -13.98 -9.77
N LEU B 348 -11.31 -15.09 -9.95
CA LEU B 348 -12.66 -15.14 -10.50
C LEU B 348 -13.68 -14.92 -9.35
N GLN B 349 -14.34 -13.73 -9.32
CA GLN B 349 -15.32 -13.45 -8.27
C GLN B 349 -16.77 -13.39 -8.83
#